data_1NR9
#
_entry.id   1NR9
#
_cell.length_a   59.373
_cell.length_b   83.546
_cell.length_c   94.896
_cell.angle_alpha   90.00
_cell.angle_beta   93.08
_cell.angle_gamma   90.00
#
_symmetry.space_group_name_H-M   'P 1 21 1'
#
loop_
_entity.id
_entity.type
_entity.pdbx_description
1 polymer 'Protein YCGM'
2 non-polymer 'MAGNESIUM ION'
3 water water
#
_entity_poly.entity_id   1
_entity_poly.type   'polypeptide(L)'
_entity_poly.pdbx_seq_one_letter_code
;GH(MSE)YQHHNWQGALLDYPVSKVVCVGSNYAKHIKE(MSE)GSAVPEEPVLFIKPETALCDLRQPLAIPSDFGSVHHE
VELAVLIGATLRQATEEHVRKAIAGYGVALDLTLRDVQGK(MSE)KKAGQPWEKAKAFDNSCPLSGFIPAAEFTGDPQNT
TLSLSVNGEQRQQGTTAD(MSE)IHKIVPLIAY(MSE)SKFFTLKAGDVVLTGTPDGVGPLQSGDELTVTFDGHSLTTRV
LGS
;
_entity_poly.pdbx_strand_id   A,B,C,D
#
# COMPACT_ATOMS: atom_id res chain seq x y z
N HIS A 2 12.60 -2.05 -24.83
CA HIS A 2 12.06 -1.84 -26.20
C HIS A 2 11.50 -3.15 -26.74
N TYR A 4 8.33 -4.02 -27.40
CA TYR A 4 7.34 -3.80 -28.46
C TYR A 4 7.82 -3.14 -29.72
N GLN A 5 7.24 -3.57 -30.84
CA GLN A 5 7.54 -3.01 -32.15
C GLN A 5 6.35 -3.29 -33.05
N HIS A 6 6.09 -2.41 -34.02
CA HIS A 6 4.94 -2.62 -34.89
C HIS A 6 5.11 -3.84 -35.78
N HIS A 7 4.01 -4.57 -35.97
CA HIS A 7 4.03 -5.73 -36.82
C HIS A 7 2.64 -5.99 -37.38
N ASN A 8 2.56 -6.72 -38.49
CA ASN A 8 1.27 -7.05 -39.08
C ASN A 8 0.69 -8.21 -38.26
N TRP A 9 -0.46 -8.72 -38.68
CA TRP A 9 -1.09 -9.80 -37.94
C TRP A 9 -0.19 -11.04 -37.87
N GLN A 10 0.41 -11.42 -39.00
CA GLN A 10 1.32 -12.57 -39.07
C GLN A 10 2.42 -12.48 -38.00
N GLY A 11 2.91 -11.27 -37.73
CA GLY A 11 3.95 -11.09 -36.74
C GLY A 11 5.19 -10.41 -37.33
N ALA A 12 5.21 -10.26 -38.64
CA ALA A 12 6.33 -9.64 -39.32
C ALA A 12 6.39 -8.15 -38.98
N LEU A 13 7.59 -7.59 -38.83
CA LEU A 13 7.76 -6.18 -38.48
C LEU A 13 7.44 -5.20 -39.61
N LEU A 14 6.85 -4.07 -39.23
CA LEU A 14 6.49 -3.03 -40.19
C LEU A 14 7.54 -1.92 -40.14
N ASP A 15 7.69 -1.20 -41.23
CA ASP A 15 8.69 -0.13 -41.29
C ASP A 15 8.19 1.19 -40.74
N TYR A 16 7.77 1.18 -39.48
CA TYR A 16 7.27 2.38 -38.82
C TYR A 16 7.81 2.42 -37.39
N PRO A 17 8.31 3.57 -36.97
CA PRO A 17 8.85 3.72 -35.62
C PRO A 17 7.74 3.60 -34.59
N VAL A 18 8.15 3.51 -33.34
CA VAL A 18 7.23 3.45 -32.24
C VAL A 18 7.40 4.82 -31.63
N SER A 19 6.35 5.36 -31.02
CA SER A 19 6.48 6.68 -30.42
C SER A 19 5.39 6.94 -29.40
N LYS A 20 4.27 7.47 -29.85
CA LYS A 20 3.17 7.76 -28.94
C LYS A 20 1.85 7.17 -29.39
N VAL A 21 0.90 7.19 -28.46
CA VAL A 21 -0.45 6.69 -28.74
C VAL A 21 -1.40 7.79 -28.26
N VAL A 22 -2.20 8.32 -29.19
CA VAL A 22 -3.14 9.37 -28.82
C VAL A 22 -4.47 8.68 -28.58
N CYS A 23 -5.16 9.04 -27.50
CA CYS A 23 -6.40 8.38 -27.18
C CYS A 23 -7.57 9.31 -26.92
N VAL A 24 -8.76 8.80 -27.21
CA VAL A 24 -9.98 9.57 -27.00
C VAL A 24 -10.57 9.18 -25.65
N GLY A 25 -11.22 10.11 -24.97
CA GLY A 25 -11.83 9.79 -23.69
C GLY A 25 -12.97 8.84 -23.99
N SER A 26 -14.21 9.29 -23.81
CA SER A 26 -15.38 8.47 -24.10
C SER A 26 -15.76 8.75 -25.53
N ASN A 27 -16.12 7.72 -26.29
CA ASN A 27 -16.47 7.92 -27.70
C ASN A 27 -17.54 6.95 -28.18
N TYR A 28 -18.24 6.32 -27.25
CA TYR A 28 -19.29 5.38 -27.59
C TYR A 28 -20.59 5.74 -26.88
N ALA A 29 -21.70 5.67 -27.60
CA ALA A 29 -23.01 5.99 -27.03
C ALA A 29 -23.69 4.75 -26.45
N PRO A 40 -21.16 16.67 -31.01
CA PRO A 40 -21.22 16.73 -29.53
C PRO A 40 -20.04 17.52 -28.96
N GLU A 41 -19.82 17.39 -27.64
CA GLU A 41 -18.71 18.11 -27.01
C GLU A 41 -17.40 17.58 -27.59
N GLU A 42 -16.46 18.48 -27.83
CA GLU A 42 -15.16 18.12 -28.38
C GLU A 42 -14.55 16.90 -27.69
N PRO A 43 -13.94 16.02 -28.49
CA PRO A 43 -13.30 14.79 -28.00
C PRO A 43 -12.30 15.05 -26.86
N VAL A 44 -12.38 14.23 -25.81
CA VAL A 44 -11.45 14.30 -24.69
C VAL A 44 -10.19 13.58 -25.20
N LEU A 45 -9.02 14.17 -24.97
CA LEU A 45 -7.75 13.62 -25.45
C LEU A 45 -6.66 13.46 -24.41
N PHE A 46 -6.00 12.30 -24.44
CA PHE A 46 -4.88 12.01 -23.54
C PHE A 46 -3.88 11.14 -24.31
N ILE A 47 -2.63 11.06 -23.85
CA ILE A 47 -1.63 10.28 -24.57
C ILE A 47 -0.82 9.25 -23.79
N LYS A 48 -0.69 8.05 -24.36
CA LYS A 48 0.10 7.00 -23.73
C LYS A 48 1.51 7.06 -24.37
N PRO A 49 2.57 7.01 -23.54
CA PRO A 49 3.94 7.07 -24.07
C PRO A 49 4.44 5.74 -24.62
N GLU A 50 5.60 5.77 -25.28
CA GLU A 50 6.21 4.58 -25.87
C GLU A 50 6.36 3.47 -24.83
N THR A 51 6.62 3.87 -23.61
CA THR A 51 6.79 2.93 -22.53
C THR A 51 5.54 2.09 -22.29
N ALA A 52 4.36 2.63 -22.58
CA ALA A 52 3.13 1.89 -22.31
C ALA A 52 2.72 0.86 -23.37
N LEU A 53 3.43 0.84 -24.49
CA LEU A 53 3.15 -0.09 -25.57
C LEU A 53 3.71 -1.47 -25.28
N CYS A 54 2.97 -2.51 -25.66
CA CYS A 54 3.46 -3.88 -25.46
C CYS A 54 2.69 -4.90 -26.27
N ASP A 55 3.34 -6.03 -26.54
CA ASP A 55 2.75 -7.12 -27.31
C ASP A 55 1.52 -7.73 -26.61
N LEU A 56 0.36 -7.66 -27.27
CA LEU A 56 -0.88 -8.20 -26.70
C LEU A 56 -0.91 -9.72 -26.69
N ARG A 57 0.01 -10.33 -27.45
CA ARG A 57 0.07 -11.77 -27.56
C ARG A 57 0.79 -12.44 -26.40
N GLN A 58 1.60 -11.67 -25.69
CA GLN A 58 2.35 -12.23 -24.57
C GLN A 58 1.64 -11.93 -23.24
N PRO A 59 1.99 -12.67 -22.18
CA PRO A 59 1.34 -12.42 -20.90
C PRO A 59 1.29 -10.93 -20.62
N LEU A 60 0.24 -10.49 -19.92
CA LEU A 60 0.08 -9.08 -19.59
C LEU A 60 0.54 -8.74 -18.18
N ALA A 61 1.31 -7.66 -18.07
CA ALA A 61 1.83 -7.24 -16.78
C ALA A 61 1.03 -6.07 -16.22
N ILE A 62 0.37 -6.30 -15.08
CA ILE A 62 -0.42 -5.23 -14.46
C ILE A 62 0.07 -4.87 -13.06
N PRO A 63 0.05 -3.58 -12.73
CA PRO A 63 0.48 -3.09 -11.41
C PRO A 63 -0.37 -3.80 -10.37
N SER A 64 0.15 -3.92 -9.15
CA SER A 64 -0.61 -4.61 -8.11
C SER A 64 -0.81 -3.76 -6.86
N ASP A 65 -0.11 -2.63 -6.78
CA ASP A 65 -0.19 -1.77 -5.61
C ASP A 65 -0.78 -0.38 -5.89
N PHE A 66 -1.62 -0.27 -6.92
CA PHE A 66 -2.22 1.00 -7.30
C PHE A 66 -3.73 0.96 -7.43
N GLY A 67 -4.35 -0.14 -7.03
CA GLY A 67 -5.79 -0.25 -7.13
C GLY A 67 -6.18 -1.06 -8.34
N SER A 68 -7.48 -1.20 -8.58
CA SER A 68 -7.95 -2.01 -9.71
C SER A 68 -7.45 -1.51 -11.06
N VAL A 69 -7.36 -2.44 -12.00
CA VAL A 69 -6.89 -2.16 -13.35
C VAL A 69 -8.00 -2.57 -14.29
N HIS A 70 -8.53 -1.62 -15.07
CA HIS A 70 -9.60 -1.93 -16.01
C HIS A 70 -9.15 -2.16 -17.44
N HIS A 71 -9.99 -2.88 -18.20
CA HIS A 71 -9.71 -3.17 -19.59
C HIS A 71 -10.66 -2.39 -20.47
N GLU A 72 -10.16 -1.91 -21.61
CA GLU A 72 -10.98 -1.19 -22.56
C GLU A 72 -10.55 -1.68 -23.93
N VAL A 73 -11.34 -2.55 -24.55
CA VAL A 73 -10.96 -3.00 -25.88
C VAL A 73 -11.24 -1.81 -26.78
N GLU A 74 -10.35 -1.56 -27.75
CA GLU A 74 -10.52 -0.44 -28.64
C GLU A 74 -9.90 -0.71 -30.01
N LEU A 75 -10.42 -0.02 -31.03
CA LEU A 75 -9.89 -0.14 -32.38
C LEU A 75 -8.64 0.76 -32.49
N ALA A 76 -7.53 0.18 -32.93
CA ALA A 76 -6.27 0.88 -33.06
C ALA A 76 -5.95 1.20 -34.50
N VAL A 77 -5.70 2.48 -34.76
CA VAL A 77 -5.36 2.93 -36.11
C VAL A 77 -3.88 3.29 -36.10
N LEU A 78 -3.14 2.73 -37.04
CA LEU A 78 -1.71 2.97 -37.18
C LEU A 78 -1.43 4.04 -38.24
N ILE A 79 -0.90 5.20 -37.83
CA ILE A 79 -0.62 6.28 -38.78
C ILE A 79 0.63 5.99 -39.65
N GLY A 80 0.49 6.17 -40.96
CA GLY A 80 1.61 5.89 -41.85
C GLY A 80 2.39 7.08 -42.35
N ALA A 81 1.85 8.28 -42.15
CA ALA A 81 2.52 9.50 -42.59
C ALA A 81 2.15 10.61 -41.63
N THR A 82 2.92 11.69 -41.62
CA THR A 82 2.67 12.76 -40.67
C THR A 82 1.44 13.65 -40.93
N LEU A 83 0.67 13.89 -39.87
CA LEU A 83 -0.55 14.68 -39.93
C LEU A 83 -0.52 15.84 -38.94
N ARG A 84 -0.54 17.07 -39.45
CA ARG A 84 -0.54 18.25 -38.60
C ARG A 84 -1.68 19.12 -39.11
N GLN A 85 -2.60 19.50 -38.20
CA GLN A 85 -3.75 20.31 -38.58
C GLN A 85 -4.30 19.79 -39.91
N ALA A 86 -4.31 18.47 -40.06
CA ALA A 86 -4.73 17.81 -41.28
C ALA A 86 -6.20 17.83 -41.66
N THR A 87 -6.45 17.64 -42.95
CA THR A 87 -7.80 17.58 -43.50
C THR A 87 -8.13 16.09 -43.56
N GLU A 88 -9.42 15.77 -43.62
CA GLU A 88 -9.83 14.38 -43.66
C GLU A 88 -9.23 13.65 -44.85
N GLU A 89 -9.02 14.34 -45.96
CA GLU A 89 -8.45 13.66 -47.13
C GLU A 89 -7.05 13.17 -46.79
N HIS A 90 -6.33 13.96 -45.99
CA HIS A 90 -4.99 13.62 -45.55
C HIS A 90 -5.04 12.42 -44.60
N VAL A 91 -5.91 12.51 -43.61
CA VAL A 91 -6.09 11.42 -42.65
C VAL A 91 -6.26 10.15 -43.46
N ARG A 92 -7.35 10.11 -44.24
CA ARG A 92 -7.67 8.96 -45.08
C ARG A 92 -6.41 8.36 -45.69
N LYS A 93 -5.76 9.13 -46.56
CA LYS A 93 -4.56 8.69 -47.25
C LYS A 93 -3.40 8.25 -46.35
N ALA A 94 -3.40 8.71 -45.10
CA ALA A 94 -2.31 8.38 -44.19
C ALA A 94 -2.45 7.16 -43.30
N ILE A 95 -3.66 6.80 -42.88
CA ILE A 95 -3.78 5.65 -41.99
C ILE A 95 -3.20 4.40 -42.66
N ALA A 96 -2.29 3.74 -41.95
CA ALA A 96 -1.58 2.56 -42.45
C ALA A 96 -2.13 1.17 -42.09
N GLY A 97 -3.05 1.11 -41.14
CA GLY A 97 -3.59 -0.19 -40.77
C GLY A 97 -4.49 -0.16 -39.55
N TYR A 98 -5.06 -1.30 -39.21
CA TYR A 98 -5.94 -1.41 -38.05
C TYR A 98 -5.63 -2.68 -37.27
N GLY A 99 -5.81 -2.59 -35.94
CA GLY A 99 -5.57 -3.68 -35.01
C GLY A 99 -6.35 -3.40 -33.73
N VAL A 100 -6.16 -4.20 -32.69
CA VAL A 100 -6.86 -4.00 -31.43
C VAL A 100 -5.97 -3.73 -30.24
N ALA A 101 -6.49 -2.96 -29.30
CA ALA A 101 -5.73 -2.62 -28.11
C ALA A 101 -6.59 -2.62 -26.87
N LEU A 102 -5.91 -2.55 -25.74
CA LEU A 102 -6.55 -2.48 -24.46
C LEU A 102 -6.05 -1.19 -23.89
N ASP A 103 -6.98 -0.26 -23.65
CA ASP A 103 -6.62 1.01 -23.06
C ASP A 103 -6.68 0.71 -21.58
N LEU A 104 -5.65 0.02 -21.11
CA LEU A 104 -5.52 -0.35 -19.72
C LEU A 104 -5.49 0.91 -18.88
N THR A 105 -6.32 0.95 -17.84
CA THR A 105 -6.37 2.13 -16.99
C THR A 105 -6.53 1.82 -15.51
N LEU A 106 -5.90 2.66 -14.67
CA LEU A 106 -5.98 2.53 -13.22
C LEU A 106 -7.16 3.37 -12.72
N ARG A 107 -8.36 2.80 -12.72
CA ARG A 107 -9.58 3.51 -12.32
C ARG A 107 -9.53 4.22 -10.98
N ASP A 108 -9.14 3.51 -9.93
CA ASP A 108 -9.05 4.13 -8.61
C ASP A 108 -8.24 5.43 -8.70
N VAL A 109 -7.03 5.33 -9.25
CA VAL A 109 -6.15 6.47 -9.41
C VAL A 109 -6.76 7.58 -10.26
N GLN A 110 -7.45 7.21 -11.32
CA GLN A 110 -8.07 8.17 -12.20
C GLN A 110 -9.13 8.98 -11.46
N GLY A 111 -9.95 8.29 -10.68
CA GLY A 111 -10.99 8.95 -9.91
C GLY A 111 -10.36 10.04 -9.06
N LYS A 112 -9.27 9.71 -8.38
CA LYS A 112 -8.60 10.71 -7.56
C LYS A 112 -8.18 11.86 -8.45
N LYS A 114 -9.44 12.90 -11.52
CA LYS A 114 -10.58 13.70 -11.96
C LYS A 114 -11.07 14.64 -10.85
N LYS A 115 -11.40 14.07 -9.69
CA LYS A 115 -11.87 14.88 -8.57
C LYS A 115 -10.89 16.01 -8.28
N ALA A 116 -9.61 15.78 -8.60
CA ALA A 116 -8.57 16.77 -8.34
C ALA A 116 -8.22 17.63 -9.56
N GLY A 117 -8.78 17.30 -10.72
CA GLY A 117 -8.47 18.04 -11.92
C GLY A 117 -6.97 17.96 -12.16
N GLN A 118 -6.45 16.74 -12.09
CA GLN A 118 -5.03 16.51 -12.25
C GLN A 118 -4.69 15.68 -13.49
N PRO A 119 -3.42 15.73 -13.92
CA PRO A 119 -3.01 14.97 -15.11
C PRO A 119 -3.49 13.53 -14.97
N TRP A 120 -3.63 12.84 -16.10
CA TRP A 120 -4.11 11.48 -16.10
C TRP A 120 -3.01 10.45 -16.27
N GLU A 121 -1.82 10.91 -16.64
CA GLU A 121 -0.71 10.00 -16.88
C GLU A 121 -0.56 8.84 -15.88
N LYS A 122 -0.81 9.10 -14.60
CA LYS A 122 -0.66 8.04 -13.61
C LYS A 122 -1.65 6.93 -13.84
N ALA A 123 -2.87 7.29 -14.20
CA ALA A 123 -3.92 6.31 -14.41
C ALA A 123 -3.99 5.73 -15.82
N LYS A 124 -3.56 6.50 -16.81
CA LYS A 124 -3.63 6.07 -18.20
C LYS A 124 -2.29 5.85 -18.92
N ALA A 125 -1.18 6.22 -18.30
CA ALA A 125 0.07 6.06 -19.02
C ALA A 125 1.14 5.18 -18.39
N PHE A 126 0.81 4.47 -17.31
CA PHE A 126 1.80 3.61 -16.65
C PHE A 126 2.39 2.60 -17.62
N ASP A 127 3.46 1.92 -17.20
CA ASP A 127 4.13 0.95 -18.07
C ASP A 127 3.20 -0.13 -18.59
N ASN A 128 3.34 -0.44 -19.87
CA ASN A 128 2.53 -1.47 -20.49
C ASN A 128 1.06 -1.26 -20.18
N SER A 129 0.57 -0.05 -20.45
CA SER A 129 -0.83 0.26 -20.20
C SER A 129 -1.55 0.27 -21.52
N CYS A 130 -0.88 -0.32 -22.53
CA CYS A 130 -1.42 -0.39 -23.88
C CYS A 130 -1.00 -1.64 -24.65
N PRO A 131 -1.51 -2.81 -24.25
CA PRO A 131 -1.13 -4.03 -24.97
C PRO A 131 -1.70 -3.78 -26.34
N LEU A 132 -1.07 -4.29 -27.38
CA LEU A 132 -1.58 -3.99 -28.71
C LEU A 132 -1.36 -5.19 -29.62
N SER A 133 -2.33 -5.45 -30.50
CA SER A 133 -2.23 -6.57 -31.43
C SER A 133 -1.41 -6.14 -32.64
N GLY A 134 -1.26 -7.05 -33.59
CA GLY A 134 -0.53 -6.73 -34.80
C GLY A 134 -1.49 -5.90 -35.63
N PHE A 135 -1.03 -5.34 -36.75
CA PHE A 135 -1.89 -4.52 -37.59
C PHE A 135 -2.22 -5.13 -38.93
N ILE A 136 -3.39 -4.79 -39.44
CA ILE A 136 -3.82 -5.28 -40.73
C ILE A 136 -3.74 -4.07 -41.67
N PRO A 137 -2.93 -4.18 -42.74
CA PRO A 137 -2.74 -3.12 -43.73
C PRO A 137 -4.04 -2.48 -44.15
N ALA A 138 -4.04 -1.16 -44.27
CA ALA A 138 -5.26 -0.44 -44.64
C ALA A 138 -5.96 -1.08 -45.81
N ALA A 139 -5.24 -1.21 -46.93
CA ALA A 139 -5.81 -1.80 -48.13
C ALA A 139 -5.63 -3.32 -48.12
N GLU A 140 -6.05 -3.94 -47.04
CA GLU A 140 -5.95 -5.38 -46.87
C GLU A 140 -6.97 -5.73 -45.81
N PHE A 141 -7.53 -4.69 -45.20
CA PHE A 141 -8.54 -4.84 -44.17
C PHE A 141 -9.85 -5.15 -44.86
N THR A 142 -10.36 -6.35 -44.65
CA THR A 142 -11.62 -6.73 -45.28
C THR A 142 -12.75 -6.21 -44.40
N GLY A 143 -13.53 -5.28 -44.92
CA GLY A 143 -14.64 -4.76 -44.14
C GLY A 143 -14.56 -3.26 -43.92
N ASP A 144 -15.58 -2.71 -43.27
CA ASP A 144 -15.62 -1.28 -43.02
C ASP A 144 -15.15 -0.93 -41.62
N PRO A 145 -13.93 -0.39 -41.51
CA PRO A 145 -13.41 -0.03 -40.19
C PRO A 145 -14.49 0.68 -39.38
N GLN A 146 -15.20 1.61 -40.01
CA GLN A 146 -16.22 2.36 -39.32
C GLN A 146 -17.40 1.51 -38.88
N ASN A 147 -17.41 0.26 -39.32
CA ASN A 147 -18.47 -0.67 -38.96
C ASN A 147 -17.87 -2.05 -38.70
N THR A 148 -16.94 -2.07 -37.74
CA THR A 148 -16.23 -3.27 -37.34
C THR A 148 -16.63 -3.71 -35.93
N THR A 149 -16.62 -5.02 -35.72
CA THR A 149 -16.97 -5.65 -34.45
C THR A 149 -15.83 -5.68 -33.44
N LEU A 150 -16.11 -5.26 -32.21
CA LEU A 150 -15.12 -5.25 -31.13
C LEU A 150 -15.64 -6.03 -29.92
N SER A 151 -14.86 -6.98 -29.44
CA SER A 151 -15.30 -7.77 -28.29
C SER A 151 -14.16 -8.21 -27.39
N LEU A 152 -14.47 -8.35 -26.10
CA LEU A 152 -13.48 -8.78 -25.11
C LEU A 152 -14.13 -9.73 -24.12
N SER A 153 -13.55 -10.91 -23.97
CA SER A 153 -14.10 -11.85 -23.01
C SER A 153 -13.05 -12.15 -21.96
N VAL A 154 -13.50 -12.25 -20.72
CA VAL A 154 -12.58 -12.57 -19.64
C VAL A 154 -13.05 -13.92 -19.11
N ASN A 155 -12.12 -14.88 -19.07
CA ASN A 155 -12.41 -16.23 -18.60
C ASN A 155 -13.71 -16.82 -19.15
N GLY A 156 -13.85 -16.82 -20.48
CA GLY A 156 -15.04 -17.37 -21.10
C GLY A 156 -16.27 -16.47 -21.12
N GLU A 157 -16.27 -15.43 -20.29
CA GLU A 157 -17.39 -14.51 -20.24
C GLU A 157 -17.13 -13.24 -21.04
N GLN A 158 -17.98 -12.98 -22.03
CA GLN A 158 -17.83 -11.77 -22.85
C GLN A 158 -18.22 -10.56 -22.02
N ARG A 159 -17.37 -9.55 -21.95
CA ARG A 159 -17.70 -8.38 -21.15
C ARG A 159 -17.88 -7.13 -21.96
N GLN A 160 -17.34 -7.14 -23.17
CA GLN A 160 -17.46 -6.00 -24.06
C GLN A 160 -17.82 -6.51 -25.45
N GLN A 161 -18.82 -5.87 -26.03
CA GLN A 161 -19.32 -6.21 -27.34
C GLN A 161 -19.92 -4.93 -27.91
N GLY A 162 -19.57 -4.60 -29.15
CA GLY A 162 -20.07 -3.41 -29.78
C GLY A 162 -19.54 -3.35 -31.20
N THR A 163 -19.90 -2.31 -31.93
CA THR A 163 -19.44 -2.14 -33.31
C THR A 163 -18.86 -0.73 -33.48
N THR A 164 -18.03 -0.56 -34.48
CA THR A 164 -17.41 0.72 -34.73
C THR A 164 -18.44 1.79 -35.13
N ALA A 165 -19.60 1.35 -35.57
CA ALA A 165 -20.64 2.28 -35.97
C ALA A 165 -21.18 3.07 -34.77
N ASP A 166 -20.95 2.59 -33.55
CA ASP A 166 -21.44 3.27 -32.35
C ASP A 166 -20.51 4.37 -31.84
N ILE A 168 -18.97 8.01 -31.42
CA ILE A 168 -19.57 9.34 -31.52
C ILE A 168 -18.84 10.12 -32.61
N HIS A 169 -17.52 10.25 -32.45
CA HIS A 169 -16.66 10.93 -33.43
C HIS A 169 -16.05 9.79 -34.25
N LYS A 170 -16.35 9.76 -35.53
CA LYS A 170 -15.84 8.70 -36.40
C LYS A 170 -14.30 8.68 -36.44
N ILE A 171 -13.73 7.68 -37.09
CA ILE A 171 -12.29 7.55 -37.15
C ILE A 171 -11.53 8.66 -37.85
N VAL A 172 -11.81 8.94 -39.13
CA VAL A 172 -11.06 10.01 -39.78
C VAL A 172 -11.33 11.40 -39.17
N PRO A 173 -12.56 11.67 -38.71
CA PRO A 173 -12.78 13.00 -38.12
C PRO A 173 -11.98 13.18 -36.84
N LEU A 174 -12.05 12.17 -35.97
CA LEU A 174 -11.34 12.20 -34.69
C LEU A 174 -9.85 12.42 -34.93
N ILE A 175 -9.24 11.60 -35.78
CA ILE A 175 -7.82 11.75 -36.09
C ILE A 175 -7.55 13.16 -36.60
N ALA A 176 -8.41 13.65 -37.47
CA ALA A 176 -8.25 14.99 -38.02
C ALA A 176 -8.27 15.97 -36.86
N TYR A 177 -9.21 15.81 -35.93
CA TYR A 177 -9.33 16.67 -34.75
C TYR A 177 -8.07 16.57 -33.87
N SER A 179 -4.98 15.84 -34.65
CA SER A 179 -3.85 16.53 -35.25
C SER A 179 -3.84 18.02 -34.95
N LYS A 180 -4.96 18.55 -34.49
CA LYS A 180 -5.03 19.97 -34.16
C LYS A 180 -4.14 20.35 -32.97
N PHE A 181 -4.01 19.45 -32.01
CA PHE A 181 -3.19 19.72 -30.83
C PHE A 181 -1.83 19.03 -30.89
N PHE A 182 -1.79 17.83 -31.45
CA PHE A 182 -0.53 17.12 -31.53
C PHE A 182 -0.32 16.60 -32.94
N THR A 183 0.87 16.84 -33.49
CA THR A 183 1.15 16.34 -34.82
C THR A 183 1.40 14.84 -34.73
N LEU A 184 0.69 14.05 -35.53
CA LEU A 184 0.87 12.60 -35.51
C LEU A 184 1.88 12.21 -36.56
N LYS A 185 2.99 11.62 -36.14
CA LYS A 185 4.01 11.21 -37.10
C LYS A 185 3.72 9.78 -37.46
N ALA A 186 4.33 9.31 -38.54
CA ALA A 186 4.13 7.92 -38.95
C ALA A 186 4.71 7.04 -37.85
N GLY A 187 4.04 5.91 -37.59
CA GLY A 187 4.52 5.03 -36.55
C GLY A 187 3.67 5.20 -35.30
N ASP A 188 3.00 6.34 -35.18
CA ASP A 188 2.13 6.59 -34.02
C ASP A 188 0.87 5.76 -34.13
N VAL A 189 0.23 5.51 -32.99
CA VAL A 189 -0.99 4.75 -32.97
C VAL A 189 -2.09 5.61 -32.38
N VAL A 190 -3.33 5.34 -32.79
CA VAL A 190 -4.50 6.07 -32.30
C VAL A 190 -5.58 5.13 -31.75
N LEU A 191 -5.93 5.28 -30.48
CA LEU A 191 -6.99 4.47 -29.88
C LEU A 191 -8.30 5.21 -30.06
N THR A 192 -9.31 4.54 -30.60
CA THR A 192 -10.57 5.22 -30.86
C THR A 192 -11.72 5.08 -29.86
N GLY A 193 -11.43 4.76 -28.60
CA GLY A 193 -12.52 4.65 -27.64
C GLY A 193 -12.93 3.23 -27.37
N THR A 194 -13.75 3.01 -26.35
CA THR A 194 -14.18 1.66 -26.04
C THR A 194 -15.68 1.55 -25.88
N PRO A 195 -16.23 0.37 -26.17
CA PRO A 195 -17.69 0.19 -26.03
C PRO A 195 -18.02 0.06 -24.55
N ASP A 196 -19.30 -0.17 -24.27
CA ASP A 196 -19.80 -0.33 -22.91
C ASP A 196 -19.31 -1.67 -22.37
N GLY A 197 -19.19 -1.79 -21.05
CA GLY A 197 -18.76 -3.03 -20.45
C GLY A 197 -17.36 -3.07 -19.83
N VAL A 198 -16.72 -1.90 -19.73
CA VAL A 198 -15.38 -1.80 -19.14
C VAL A 198 -15.36 -2.47 -17.78
N GLY A 199 -14.39 -3.36 -17.55
CA GLY A 199 -14.33 -4.03 -16.26
C GLY A 199 -12.93 -4.10 -15.66
N PRO A 200 -12.79 -4.75 -14.50
CA PRO A 200 -11.50 -4.89 -13.81
C PRO A 200 -10.79 -6.17 -14.23
N LEU A 201 -9.46 -6.12 -14.27
CA LEU A 201 -8.61 -7.25 -14.62
C LEU A 201 -7.89 -7.73 -13.37
N GLN A 202 -7.64 -9.04 -13.28
CA GLN A 202 -6.95 -9.59 -12.12
C GLN A 202 -5.96 -10.66 -12.53
N SER A 203 -4.87 -10.76 -11.77
CA SER A 203 -3.82 -11.73 -12.06
C SER A 203 -4.45 -13.10 -12.26
N GLY A 204 -4.02 -13.79 -13.31
CA GLY A 204 -4.56 -15.11 -13.57
C GLY A 204 -5.68 -15.13 -14.58
N ASP A 205 -6.34 -14.00 -14.80
CA ASP A 205 -7.43 -13.98 -15.77
C ASP A 205 -6.90 -14.27 -17.18
N GLU A 206 -7.72 -14.92 -17.99
CA GLU A 206 -7.37 -15.19 -19.37
C GLU A 206 -8.38 -14.35 -20.11
N LEU A 207 -7.95 -13.63 -21.14
CA LEU A 207 -8.86 -12.79 -21.91
C LEU A 207 -8.61 -12.91 -23.39
N THR A 208 -9.69 -12.91 -24.17
CA THR A 208 -9.55 -13.00 -25.61
C THR A 208 -10.19 -11.74 -26.22
N VAL A 209 -9.41 -11.00 -27.00
CA VAL A 209 -9.88 -9.77 -27.64
C VAL A 209 -10.23 -10.09 -29.08
N THR A 210 -11.20 -9.38 -29.65
CA THR A 210 -11.62 -9.66 -31.02
C THR A 210 -12.12 -8.47 -31.80
N PHE A 211 -11.69 -8.38 -33.05
CA PHE A 211 -12.16 -7.31 -33.92
C PHE A 211 -12.29 -7.85 -35.33
N ASP A 212 -13.49 -7.70 -35.89
CA ASP A 212 -13.84 -8.15 -37.24
C ASP A 212 -13.13 -9.39 -37.78
N GLY A 213 -13.51 -10.55 -37.26
CA GLY A 213 -12.93 -11.78 -37.75
C GLY A 213 -11.56 -12.16 -37.23
N HIS A 214 -10.99 -11.34 -36.34
CA HIS A 214 -9.68 -11.62 -35.79
C HIS A 214 -9.68 -11.72 -34.28
N SER A 215 -9.01 -12.75 -33.75
CA SER A 215 -8.93 -12.96 -32.32
C SER A 215 -7.55 -13.35 -31.83
N LEU A 216 -7.29 -12.98 -30.59
CA LEU A 216 -6.05 -13.27 -29.90
C LEU A 216 -6.47 -13.57 -28.49
N THR A 217 -5.78 -14.52 -27.86
CA THR A 217 -6.09 -14.84 -26.48
C THR A 217 -4.78 -14.77 -25.71
N THR A 218 -4.80 -14.02 -24.61
CA THR A 218 -3.64 -13.89 -23.77
C THR A 218 -4.09 -14.07 -22.30
N ARG A 219 -3.21 -13.79 -21.34
CA ARG A 219 -3.54 -13.94 -19.93
C ARG A 219 -2.79 -12.88 -19.13
N VAL A 220 -3.26 -12.61 -17.93
CA VAL A 220 -2.64 -11.63 -17.06
C VAL A 220 -1.71 -12.35 -16.10
N LEU A 221 -0.56 -11.75 -15.83
CA LEU A 221 0.42 -12.35 -14.93
C LEU A 221 0.07 -12.11 -13.48
N GLY A 222 0.43 -10.92 -13.00
CA GLY A 222 0.17 -10.56 -11.63
C GLY A 222 1.14 -9.51 -11.13
N TYR B 4 14.04 18.49 -33.59
CA TYR B 4 14.87 18.34 -32.40
C TYR B 4 15.66 17.06 -32.24
N GLN B 5 16.82 17.21 -31.65
CA GLN B 5 17.74 16.12 -31.33
C GLN B 5 18.53 16.60 -30.12
N HIS B 6 18.96 15.68 -29.27
CA HIS B 6 19.72 16.07 -28.09
C HIS B 6 21.13 16.56 -28.43
N HIS B 7 21.53 17.64 -27.78
CA HIS B 7 22.85 18.21 -27.98
C HIS B 7 23.40 18.79 -26.68
N ASN B 8 24.71 19.03 -26.64
CA ASN B 8 25.34 19.61 -25.46
C ASN B 8 25.24 21.12 -25.64
N TRP B 9 25.69 21.87 -24.65
CA TRP B 9 25.61 23.33 -24.75
C TRP B 9 26.27 23.83 -26.03
N GLN B 10 27.50 23.40 -26.24
CA GLN B 10 28.27 23.79 -27.43
C GLN B 10 27.42 23.59 -28.68
N GLY B 11 26.61 22.53 -28.69
CA GLY B 11 25.77 22.25 -29.83
C GLY B 11 26.00 20.87 -30.43
N ALA B 12 27.01 20.15 -29.95
CA ALA B 12 27.30 18.82 -30.47
C ALA B 12 26.16 17.85 -30.16
N LEU B 13 26.01 16.82 -30.99
CA LEU B 13 24.96 15.81 -30.81
C LEU B 13 25.26 14.74 -29.78
N LEU B 14 24.32 14.48 -28.88
CA LEU B 14 24.52 13.45 -27.88
C LEU B 14 24.00 12.12 -28.39
N ASP B 15 24.61 11.03 -27.93
CA ASP B 15 24.23 9.70 -28.36
C ASP B 15 23.00 9.14 -27.63
N TYR B 16 22.02 9.99 -27.35
CA TYR B 16 20.80 9.54 -26.67
C TYR B 16 19.57 9.80 -27.53
N PRO B 17 18.66 8.82 -27.62
CA PRO B 17 17.44 8.95 -28.41
C PRO B 17 16.57 9.99 -27.75
N VAL B 18 15.43 10.26 -28.38
CA VAL B 18 14.47 11.24 -27.87
C VAL B 18 13.15 10.50 -27.79
N SER B 19 12.41 10.67 -26.69
CA SER B 19 11.16 9.97 -26.56
C SER B 19 10.06 10.72 -25.80
N LYS B 20 10.26 10.91 -24.49
CA LYS B 20 9.25 11.61 -23.71
C LYS B 20 9.84 12.61 -22.73
N VAL B 21 8.96 13.28 -22.02
CA VAL B 21 9.34 14.27 -21.03
C VAL B 21 8.33 14.13 -19.90
N VAL B 22 8.81 13.67 -18.75
CA VAL B 22 7.94 13.51 -17.59
C VAL B 22 8.15 14.79 -16.81
N CYS B 23 7.08 15.45 -16.39
CA CYS B 23 7.23 16.73 -15.66
C CYS B 23 6.41 16.83 -14.40
N VAL B 24 6.80 17.75 -13.53
CA VAL B 24 6.07 17.96 -12.28
C VAL B 24 5.13 19.13 -12.50
N GLY B 25 4.02 19.16 -11.77
CA GLY B 25 3.09 20.25 -11.92
C GLY B 25 3.62 21.46 -11.20
N SER B 26 3.34 21.50 -9.91
CA SER B 26 3.77 22.59 -9.03
C SER B 26 4.86 21.99 -8.16
N ASN B 27 5.95 22.72 -7.93
CA ASN B 27 7.01 22.16 -7.12
C ASN B 27 7.92 23.19 -6.42
N TYR B 28 7.46 24.42 -6.27
CA TYR B 28 8.28 25.45 -5.64
C TYR B 28 7.61 26.26 -4.54
N ALA B 29 8.43 26.75 -3.61
CA ALA B 29 7.99 27.58 -2.48
C ALA B 29 9.18 27.84 -1.55
N VAL B 39 5.36 16.17 5.04
CA VAL B 39 4.11 15.59 4.57
C VAL B 39 3.50 16.36 3.38
N PRO B 40 4.28 16.53 2.30
CA PRO B 40 3.74 17.25 1.14
C PRO B 40 3.10 16.27 0.15
N GLU B 41 1.91 16.59 -0.32
CA GLU B 41 1.21 15.75 -1.28
C GLU B 41 2.25 15.32 -2.32
N GLU B 42 2.14 14.11 -2.83
CA GLU B 42 3.12 13.64 -3.81
C GLU B 42 3.11 14.44 -5.11
N PRO B 43 4.21 14.33 -5.90
CA PRO B 43 4.32 15.04 -7.17
C PRO B 43 3.16 14.79 -8.13
N VAL B 44 2.73 15.85 -8.80
CA VAL B 44 1.68 15.80 -9.82
C VAL B 44 2.46 15.44 -11.09
N LEU B 45 2.05 14.41 -11.82
CA LEU B 45 2.80 14.05 -13.02
C LEU B 45 2.05 13.99 -14.34
N PHE B 46 2.62 14.63 -15.36
CA PHE B 46 2.07 14.62 -16.72
C PHE B 46 3.27 14.41 -17.64
N ILE B 47 3.00 14.14 -18.92
CA ILE B 47 4.08 13.89 -19.88
C ILE B 47 3.88 14.58 -21.23
N LYS B 48 4.98 15.06 -21.79
CA LYS B 48 4.95 15.72 -23.10
C LYS B 48 5.58 14.74 -24.08
N PRO B 49 4.96 14.54 -25.26
CA PRO B 49 5.48 13.62 -26.28
C PRO B 49 6.64 14.22 -27.06
N GLU B 50 7.34 13.37 -27.81
CA GLU B 50 8.48 13.80 -28.61
C GLU B 50 8.16 15.02 -29.49
N THR B 51 6.94 15.12 -29.99
CA THR B 51 6.57 16.24 -30.83
C THR B 51 6.47 17.60 -30.10
N ALA B 52 6.72 17.62 -28.80
CA ALA B 52 6.65 18.87 -28.06
C ALA B 52 8.06 19.44 -27.94
N LEU B 53 9.05 18.59 -28.21
CA LEU B 53 10.44 18.99 -28.11
C LEU B 53 10.92 19.84 -29.29
N CYS B 54 11.55 20.96 -28.96
CA CYS B 54 12.10 21.85 -29.97
C CYS B 54 13.38 22.50 -29.44
N ASP B 55 14.13 23.12 -30.34
CA ASP B 55 15.39 23.75 -30.01
C ASP B 55 15.13 25.14 -29.44
N LEU B 56 15.54 25.37 -28.20
CA LEU B 56 15.29 26.68 -27.59
C LEU B 56 16.19 27.80 -28.13
N ARG B 57 17.25 27.44 -28.85
CA ARG B 57 18.15 28.43 -29.45
C ARG B 57 17.45 29.06 -30.64
N GLN B 58 16.45 28.36 -31.17
CA GLN B 58 15.70 28.85 -32.31
C GLN B 58 14.44 29.60 -31.94
N PRO B 59 13.91 30.39 -32.88
CA PRO B 59 12.69 31.13 -32.54
C PRO B 59 11.55 30.16 -32.20
N LEU B 60 10.85 30.45 -31.11
CA LEU B 60 9.76 29.64 -30.61
C LEU B 60 8.43 29.86 -31.34
N ALA B 61 7.69 28.78 -31.55
CA ALA B 61 6.39 28.86 -32.20
C ALA B 61 5.32 28.47 -31.20
N ILE B 62 4.33 29.34 -31.03
CA ILE B 62 3.24 29.07 -30.12
C ILE B 62 1.89 29.14 -30.83
N PRO B 63 0.88 28.42 -30.30
CA PRO B 63 -0.44 28.45 -30.94
C PRO B 63 -1.05 29.84 -30.68
N SER B 64 -1.83 30.34 -31.62
CA SER B 64 -2.42 31.65 -31.43
C SER B 64 -3.95 31.58 -31.41
N ASP B 65 -4.49 30.37 -31.56
CA ASP B 65 -5.93 30.17 -31.59
C ASP B 65 -6.44 29.30 -30.45
N PHE B 66 -5.76 29.33 -29.30
CA PHE B 66 -6.14 28.51 -28.15
C PHE B 66 -6.06 29.27 -26.83
N GLY B 67 -6.04 30.60 -26.89
CA GLY B 67 -5.98 31.39 -25.67
C GLY B 67 -4.58 31.74 -25.21
N SER B 68 -4.44 32.15 -23.96
CA SER B 68 -3.15 32.53 -23.42
C SER B 68 -2.12 31.40 -23.52
N VAL B 69 -0.85 31.79 -23.60
CA VAL B 69 0.25 30.85 -23.68
C VAL B 69 1.30 31.29 -22.67
N HIS B 70 1.47 30.52 -21.60
CA HIS B 70 2.44 30.87 -20.57
C HIS B 70 3.80 30.17 -20.64
N HIS B 71 4.78 30.79 -19.99
CA HIS B 71 6.14 30.27 -19.93
C HIS B 71 6.42 29.78 -18.51
N GLU B 72 7.21 28.73 -18.42
CA GLU B 72 7.59 28.14 -17.16
C GLU B 72 9.05 27.74 -17.32
N VAL B 73 9.95 28.48 -16.66
CA VAL B 73 11.35 28.13 -16.81
C VAL B 73 11.63 26.98 -15.87
N GLU B 74 12.35 25.99 -16.35
CA GLU B 74 12.62 24.82 -15.53
C GLU B 74 14.01 24.21 -15.80
N LEU B 75 14.47 23.40 -14.85
CA LEU B 75 15.75 22.72 -14.97
C LEU B 75 15.44 21.37 -15.59
N ALA B 76 16.06 21.10 -16.73
CA ALA B 76 15.86 19.85 -17.44
C ALA B 76 16.98 18.92 -17.07
N VAL B 77 16.62 17.66 -16.82
CA VAL B 77 17.58 16.64 -16.45
C VAL B 77 17.51 15.56 -17.50
N LEU B 78 18.62 15.30 -18.16
CA LEU B 78 18.71 14.30 -19.22
C LEU B 78 19.05 12.92 -18.66
N ILE B 79 18.11 11.98 -18.72
CA ILE B 79 18.35 10.62 -18.24
C ILE B 79 19.25 9.87 -19.20
N GLY B 80 20.26 9.18 -18.65
CA GLY B 80 21.19 8.44 -19.49
C GLY B 80 21.08 6.94 -19.43
N ALA B 81 20.18 6.42 -18.61
CA ALA B 81 19.99 4.97 -18.49
C ALA B 81 18.64 4.59 -17.86
N THR B 82 18.16 3.39 -18.19
CA THR B 82 16.87 2.93 -17.70
C THR B 82 16.72 3.00 -16.20
N LEU B 83 15.60 3.61 -15.79
CA LEU B 83 15.23 3.76 -14.39
C LEU B 83 13.83 3.18 -14.28
N ARG B 84 13.66 2.21 -13.38
CA ARG B 84 12.35 1.59 -13.20
C ARG B 84 12.26 1.15 -11.74
N GLN B 85 11.29 1.70 -11.01
CA GLN B 85 11.13 1.36 -9.60
C GLN B 85 12.50 1.53 -8.97
N ALA B 86 13.28 2.43 -9.55
CA ALA B 86 14.66 2.69 -9.12
C ALA B 86 14.85 3.35 -7.76
N THR B 87 16.01 3.07 -7.17
CA THR B 87 16.41 3.63 -5.89
C THR B 87 17.03 4.98 -6.19
N GLU B 88 17.37 5.73 -5.16
CA GLU B 88 17.96 7.04 -5.36
C GLU B 88 19.41 6.93 -5.82
N GLU B 89 19.99 5.73 -5.70
CA GLU B 89 21.36 5.53 -6.13
C GLU B 89 21.36 5.30 -7.64
N HIS B 90 20.36 4.57 -8.14
CA HIS B 90 20.24 4.30 -9.56
C HIS B 90 20.07 5.64 -10.25
N VAL B 91 19.22 6.48 -9.67
CA VAL B 91 18.95 7.80 -10.22
C VAL B 91 20.24 8.58 -10.42
N ARG B 92 20.96 8.83 -9.33
CA ARG B 92 22.22 9.58 -9.35
C ARG B 92 23.19 9.08 -10.42
N LYS B 93 23.42 7.77 -10.45
CA LYS B 93 24.33 7.16 -11.41
C LYS B 93 23.70 7.10 -12.80
N ALA B 94 22.50 7.66 -12.95
CA ALA B 94 21.80 7.62 -14.23
C ALA B 94 21.61 8.94 -14.95
N ILE B 95 21.53 10.05 -14.24
CA ILE B 95 21.32 11.28 -14.97
C ILE B 95 22.60 11.63 -15.71
N ALA B 96 22.46 12.08 -16.95
CA ALA B 96 23.61 12.38 -17.80
C ALA B 96 23.89 13.85 -18.06
N GLY B 97 23.02 14.74 -17.62
CA GLY B 97 23.24 16.16 -17.84
C GLY B 97 22.12 17.07 -17.39
N TYR B 98 22.31 18.38 -17.55
CA TYR B 98 21.30 19.36 -17.16
C TYR B 98 21.21 20.48 -18.16
N GLY B 99 19.99 21.03 -18.29
CA GLY B 99 19.76 22.11 -19.22
C GLY B 99 18.53 22.85 -18.77
N VAL B 100 18.16 23.92 -19.49
CA VAL B 100 16.98 24.69 -19.13
C VAL B 100 15.92 24.41 -20.17
N ALA B 101 14.67 24.58 -19.79
CA ALA B 101 13.56 24.33 -20.68
C ALA B 101 12.44 25.28 -20.33
N LEU B 102 11.55 25.47 -21.29
CA LEU B 102 10.38 26.30 -21.11
C LEU B 102 9.24 25.29 -21.16
N ASP B 103 8.53 25.16 -20.05
CA ASP B 103 7.37 24.24 -19.97
C ASP B 103 6.22 25.10 -20.44
N LEU B 104 6.10 25.24 -21.76
CA LEU B 104 5.05 26.05 -22.36
C LEU B 104 3.69 25.45 -22.09
N THR B 105 2.76 26.27 -21.64
CA THR B 105 1.44 25.75 -21.34
C THR B 105 0.33 26.70 -21.72
N LEU B 106 -0.81 26.14 -22.09
CA LEU B 106 -1.97 26.92 -22.45
C LEU B 106 -2.81 27.10 -21.18
N ARG B 107 -2.60 28.19 -20.46
CA ARG B 107 -3.34 28.42 -19.22
C ARG B 107 -4.83 28.34 -19.35
N ASP B 108 -5.39 28.97 -20.39
CA ASP B 108 -6.83 28.95 -20.55
C ASP B 108 -7.34 27.51 -20.69
N VAL B 109 -6.69 26.76 -21.56
CA VAL B 109 -7.04 25.37 -21.79
C VAL B 109 -6.81 24.51 -20.54
N GLN B 110 -5.76 24.83 -19.79
CA GLN B 110 -5.43 24.09 -18.57
C GLN B 110 -6.45 24.38 -17.48
N GLY B 111 -6.85 25.64 -17.37
CA GLY B 111 -7.83 26.02 -16.38
C GLY B 111 -9.09 25.23 -16.67
N LYS B 112 -9.50 25.24 -17.93
CA LYS B 112 -10.68 24.51 -18.32
C LYS B 112 -10.51 23.04 -17.94
N LYS B 114 -8.72 21.56 -15.79
CA LYS B 114 -8.74 21.35 -14.34
C LYS B 114 -10.14 21.33 -13.76
N LYS B 115 -10.96 22.30 -14.15
CA LYS B 115 -12.31 22.35 -13.62
C LYS B 115 -13.20 21.22 -14.11
N ALA B 116 -12.88 20.66 -15.27
CA ALA B 116 -13.69 19.59 -15.85
C ALA B 116 -13.16 18.19 -15.57
N GLY B 117 -12.08 18.09 -14.80
CA GLY B 117 -11.50 16.80 -14.45
C GLY B 117 -11.08 15.98 -15.65
N GLN B 118 -10.54 16.63 -16.67
CA GLN B 118 -10.12 15.94 -17.89
C GLN B 118 -8.59 15.96 -18.01
N PRO B 119 -8.01 15.17 -18.93
CA PRO B 119 -6.55 15.11 -19.13
C PRO B 119 -5.99 16.50 -19.42
N TRP B 120 -4.67 16.65 -19.28
CA TRP B 120 -3.99 17.92 -19.52
C TRP B 120 -3.26 17.98 -20.85
N GLU B 121 -3.22 16.88 -21.58
CA GLU B 121 -2.50 16.83 -22.85
C GLU B 121 -2.71 18.06 -23.73
N LYS B 122 -3.97 18.45 -23.94
CA LYS B 122 -4.28 19.61 -24.78
C LYS B 122 -3.58 20.89 -24.33
N ALA B 123 -3.37 21.03 -23.03
CA ALA B 123 -2.75 22.23 -22.49
C ALA B 123 -1.25 22.12 -22.20
N LYS B 124 -0.69 20.92 -22.24
CA LYS B 124 0.73 20.76 -21.94
C LYS B 124 1.52 19.97 -22.96
N ALA B 125 0.83 19.19 -23.78
CA ALA B 125 1.49 18.35 -24.76
C ALA B 125 1.38 18.80 -26.20
N PHE B 126 0.90 20.01 -26.45
CA PHE B 126 0.78 20.47 -27.84
C PHE B 126 2.15 20.54 -28.51
N ASP B 127 2.18 20.83 -29.81
CA ASP B 127 3.44 20.88 -30.53
C ASP B 127 4.38 21.99 -30.11
N ASN B 128 5.64 21.62 -29.89
CA ASN B 128 6.69 22.57 -29.51
C ASN B 128 6.38 23.20 -28.17
N SER B 129 5.61 22.48 -27.37
CA SER B 129 5.23 22.93 -26.04
C SER B 129 6.41 22.74 -25.08
N CYS B 130 7.58 22.41 -25.63
CA CYS B 130 8.72 22.18 -24.75
C CYS B 130 10.07 22.61 -25.34
N PRO B 131 10.34 23.93 -25.36
CA PRO B 131 11.63 24.38 -25.90
C PRO B 131 12.72 23.89 -24.95
N LEU B 132 13.79 23.34 -25.52
CA LEU B 132 14.85 22.77 -24.70
C LEU B 132 16.22 23.27 -25.12
N SER B 133 17.06 23.55 -24.14
CA SER B 133 18.42 24.01 -24.38
C SER B 133 19.34 22.79 -24.54
N GLY B 134 20.62 23.03 -24.78
CA GLY B 134 21.57 21.94 -24.91
C GLY B 134 21.89 21.51 -23.48
N PHE B 135 22.36 20.28 -23.29
CA PHE B 135 22.67 19.80 -21.94
C PHE B 135 24.15 19.86 -21.55
N ILE B 136 24.40 20.05 -20.26
CA ILE B 136 25.75 20.10 -19.74
C ILE B 136 26.00 18.77 -19.06
N PRO B 137 26.93 17.95 -19.60
CA PRO B 137 27.24 16.64 -19.01
C PRO B 137 27.32 16.72 -17.48
N ALA B 138 26.68 15.77 -16.80
CA ALA B 138 26.66 15.76 -15.35
C ALA B 138 28.04 15.93 -14.74
N ALA B 139 29.06 15.41 -15.42
CA ALA B 139 30.43 15.53 -14.91
C ALA B 139 30.95 16.95 -15.07
N GLU B 140 30.68 17.57 -16.21
CA GLU B 140 31.16 18.94 -16.45
C GLU B 140 30.29 20.00 -15.77
N PHE B 141 29.23 19.57 -15.08
CA PHE B 141 28.39 20.56 -14.41
C PHE B 141 29.13 21.03 -13.16
N THR B 142 29.54 22.28 -13.17
CA THR B 142 30.24 22.82 -12.01
C THR B 142 29.24 23.66 -11.23
N GLY B 143 28.67 23.03 -10.21
CA GLY B 143 27.70 23.71 -9.38
C GLY B 143 26.85 22.63 -8.76
N ASP B 144 25.74 23.04 -8.17
CA ASP B 144 24.86 22.07 -7.54
C ASP B 144 23.50 22.07 -8.20
N PRO B 145 23.15 20.97 -8.88
CA PRO B 145 21.86 20.90 -9.54
C PRO B 145 20.77 21.35 -8.56
N GLN B 146 20.82 20.80 -7.35
CA GLN B 146 19.84 21.08 -6.31
C GLN B 146 19.90 22.48 -5.71
N ASN B 147 20.85 23.28 -6.16
CA ASN B 147 20.99 24.66 -5.69
C ASN B 147 21.51 25.50 -6.87
N THR B 148 20.71 25.58 -7.93
CA THR B 148 21.06 26.33 -9.12
C THR B 148 20.03 27.41 -9.42
N THR B 149 20.50 28.51 -10.00
CA THR B 149 19.65 29.65 -10.35
C THR B 149 18.85 29.43 -11.64
N LEU B 150 17.70 30.09 -11.72
CA LEU B 150 16.82 30.00 -12.88
C LEU B 150 16.16 31.35 -13.03
N SER B 151 16.20 31.90 -14.23
CA SER B 151 15.56 33.18 -14.45
C SER B 151 15.05 33.22 -15.86
N LEU B 152 13.96 33.94 -16.07
CA LEU B 152 13.42 34.08 -17.40
C LEU B 152 13.02 35.54 -17.59
N SER B 153 13.56 36.17 -18.63
CA SER B 153 13.24 37.55 -18.91
C SER B 153 12.49 37.65 -20.22
N VAL B 154 11.47 38.49 -20.24
CA VAL B 154 10.67 38.71 -21.44
C VAL B 154 10.74 40.21 -21.77
N ASN B 155 11.35 40.54 -22.89
CA ASN B 155 11.49 41.93 -23.30
C ASN B 155 12.21 42.80 -22.27
N GLY B 156 13.30 42.25 -21.72
CA GLY B 156 14.08 43.01 -20.76
C GLY B 156 13.63 42.98 -19.31
N GLU B 157 12.35 42.74 -19.05
CA GLU B 157 11.87 42.71 -17.68
C GLU B 157 11.99 41.33 -17.02
N GLN B 158 12.32 41.32 -15.74
CA GLN B 158 12.46 40.08 -15.00
C GLN B 158 11.09 39.46 -14.75
N ARG B 159 10.92 38.21 -15.16
CA ARG B 159 9.65 37.50 -14.96
C ARG B 159 9.75 36.44 -13.87
N GLN B 160 10.76 35.59 -13.99
CA GLN B 160 11.02 34.51 -13.04
C GLN B 160 12.47 34.57 -12.60
N GLN B 161 12.69 34.50 -11.30
CA GLN B 161 14.04 34.55 -10.73
C GLN B 161 14.01 33.67 -9.48
N GLY B 162 14.62 32.50 -9.56
CA GLY B 162 14.60 31.60 -8.42
C GLY B 162 15.81 30.69 -8.29
N THR B 163 15.68 29.71 -7.41
CA THR B 163 16.74 28.74 -7.15
C THR B 163 16.13 27.36 -6.93
N THR B 164 16.83 26.33 -7.41
CA THR B 164 16.32 24.97 -7.27
C THR B 164 16.37 24.49 -5.84
N ALA B 165 16.84 25.34 -4.95
CA ALA B 165 16.93 24.99 -3.55
C ALA B 165 15.50 24.96 -2.99
N ASP B 166 14.65 25.83 -3.54
CA ASP B 166 13.25 25.95 -3.11
C ASP B 166 12.40 24.85 -3.74
N ILE B 168 10.63 21.73 -4.03
CA ILE B 168 10.17 20.83 -2.99
C ILE B 168 10.74 19.43 -3.19
N HIS B 169 10.13 18.65 -4.07
CA HIS B 169 10.63 17.30 -4.34
C HIS B 169 12.00 17.44 -5.01
N LYS B 170 13.04 17.06 -4.28
CA LYS B 170 14.40 17.17 -4.82
C LYS B 170 14.53 16.39 -6.12
N ILE B 171 15.54 16.75 -6.91
CA ILE B 171 15.76 16.10 -8.19
C ILE B 171 15.91 14.58 -8.11
N VAL B 172 16.63 14.05 -7.12
CA VAL B 172 16.78 12.62 -7.08
C VAL B 172 15.52 11.87 -6.64
N PRO B 173 14.87 12.31 -5.55
CA PRO B 173 13.65 11.63 -5.06
C PRO B 173 12.51 11.67 -6.10
N LEU B 174 12.31 12.86 -6.68
CA LEU B 174 11.27 13.07 -7.68
C LEU B 174 11.41 12.04 -8.79
N ILE B 175 12.59 11.97 -9.38
CA ILE B 175 12.85 11.03 -10.45
C ILE B 175 12.66 9.59 -9.96
N ALA B 176 13.01 9.34 -8.71
CA ALA B 176 12.84 8.01 -8.15
C ALA B 176 11.33 7.77 -8.18
N TYR B 177 10.58 8.77 -7.72
CA TYR B 177 9.12 8.67 -7.69
C TYR B 177 8.59 8.44 -9.12
N SER B 179 9.84 7.15 -11.71
CA SER B 179 10.05 5.80 -12.23
C SER B 179 9.07 4.77 -11.63
N LYS B 180 8.31 5.15 -10.61
CA LYS B 180 7.35 4.24 -10.00
C LYS B 180 6.16 4.00 -10.92
N PHE B 181 5.87 4.97 -11.80
CA PHE B 181 4.75 4.85 -12.73
C PHE B 181 5.15 4.52 -14.16
N PHE B 182 6.14 5.25 -14.66
CA PHE B 182 6.64 5.02 -16.01
C PHE B 182 8.14 4.91 -15.93
N THR B 183 8.66 3.86 -16.55
CA THR B 183 10.11 3.68 -16.54
C THR B 183 10.67 4.78 -17.41
N LEU B 184 11.81 5.32 -16.98
CA LEU B 184 12.47 6.37 -17.73
C LEU B 184 13.55 5.69 -18.55
N LYS B 185 13.68 6.07 -19.82
CA LYS B 185 14.69 5.46 -20.67
C LYS B 185 15.79 6.45 -21.03
N ALA B 186 16.89 5.95 -21.56
CA ALA B 186 18.01 6.81 -21.96
C ALA B 186 17.53 7.73 -23.06
N GLY B 187 17.65 9.03 -22.84
CA GLY B 187 17.21 9.98 -23.84
C GLY B 187 15.99 10.74 -23.33
N ASP B 188 15.28 10.12 -22.39
CA ASP B 188 14.09 10.71 -21.80
C ASP B 188 14.52 11.91 -20.95
N VAL B 189 13.69 12.96 -20.94
CA VAL B 189 13.98 14.17 -20.21
C VAL B 189 12.91 14.43 -19.16
N VAL B 190 13.30 14.96 -18.01
CA VAL B 190 12.34 15.28 -16.95
C VAL B 190 12.53 16.72 -16.50
N LEU B 191 11.41 17.43 -16.39
CA LEU B 191 11.41 18.82 -15.97
C LEU B 191 11.07 18.85 -14.47
N THR B 192 11.89 19.53 -13.69
CA THR B 192 11.67 19.59 -12.25
C THR B 192 10.42 20.38 -11.88
N GLY B 193 10.47 21.68 -12.05
CA GLY B 193 9.33 22.52 -11.73
C GLY B 193 9.76 23.93 -12.01
N THR B 194 8.86 24.87 -11.79
CA THR B 194 9.18 26.27 -12.04
C THR B 194 8.87 27.13 -10.83
N PRO B 195 9.71 28.15 -10.57
CA PRO B 195 9.47 29.03 -9.43
C PRO B 195 8.18 29.78 -9.79
N ASP B 196 7.82 30.80 -9.04
CA ASP B 196 6.61 31.55 -9.36
C ASP B 196 7.02 32.64 -10.35
N GLY B 197 6.03 33.33 -10.92
CA GLY B 197 6.35 34.38 -11.87
C GLY B 197 5.83 34.07 -13.25
N VAL B 198 5.27 32.88 -13.41
CA VAL B 198 4.72 32.44 -14.67
C VAL B 198 3.80 33.49 -15.29
N GLY B 199 4.01 33.78 -16.57
CA GLY B 199 3.21 34.77 -17.26
C GLY B 199 3.06 34.44 -18.74
N PRO B 200 2.38 35.31 -19.52
CA PRO B 200 2.15 35.12 -20.96
C PRO B 200 3.35 35.37 -21.86
N LEU B 201 3.21 34.90 -23.10
CA LEU B 201 4.19 35.05 -24.19
C LEU B 201 3.36 35.28 -25.44
N GLN B 202 3.55 36.43 -26.10
CA GLN B 202 2.81 36.69 -27.34
C GLN B 202 3.83 36.77 -28.47
N SER B 203 3.36 36.82 -29.72
CA SER B 203 4.28 36.91 -30.83
C SER B 203 5.13 38.15 -30.67
N GLY B 204 6.39 38.07 -31.10
CA GLY B 204 7.24 39.23 -30.99
C GLY B 204 8.05 39.34 -29.71
N ASP B 205 7.65 38.65 -28.65
CA ASP B 205 8.42 38.76 -27.42
C ASP B 205 9.88 38.35 -27.59
N GLU B 206 10.78 39.05 -26.90
CA GLU B 206 12.21 38.76 -26.92
C GLU B 206 12.38 38.03 -25.61
N LEU B 207 12.80 36.77 -25.69
CA LEU B 207 12.93 35.97 -24.51
C LEU B 207 14.36 35.55 -24.21
N THR B 208 14.76 35.70 -22.95
CA THR B 208 16.10 35.30 -22.55
C THR B 208 15.99 34.48 -21.25
N VAL B 209 16.31 33.20 -21.33
CA VAL B 209 16.22 32.32 -20.18
C VAL B 209 17.62 32.04 -19.64
N THR B 210 17.73 31.89 -18.32
CA THR B 210 19.02 31.62 -17.69
C THR B 210 19.03 30.52 -16.65
N PHE B 211 20.07 29.70 -16.71
CA PHE B 211 20.22 28.60 -15.77
C PHE B 211 21.67 28.59 -15.30
N ASP B 212 21.82 29.10 -14.07
CA ASP B 212 23.08 29.25 -13.35
C ASP B 212 24.36 29.34 -14.16
N GLY B 213 24.82 30.56 -14.37
CA GLY B 213 26.06 30.74 -15.11
C GLY B 213 25.96 30.66 -16.62
N HIS B 214 24.84 30.15 -17.13
CA HIS B 214 24.62 30.04 -18.57
C HIS B 214 23.38 30.79 -18.99
N SER B 215 23.53 31.59 -20.05
CA SER B 215 22.43 32.38 -20.57
C SER B 215 22.14 32.01 -22.01
N LEU B 216 20.95 32.37 -22.47
CA LEU B 216 20.51 32.07 -23.82
C LEU B 216 19.35 33.00 -24.14
N THR B 217 19.27 33.46 -25.38
CA THR B 217 18.18 34.35 -25.76
C THR B 217 17.56 33.93 -27.07
N THR B 218 16.26 34.19 -27.21
CA THR B 218 15.57 33.85 -28.44
C THR B 218 14.27 34.66 -28.46
N ARG B 219 13.36 34.33 -29.37
CA ARG B 219 12.11 35.09 -29.48
C ARG B 219 10.93 34.21 -29.92
N VAL B 220 9.74 34.81 -29.92
CA VAL B 220 8.51 34.13 -30.34
C VAL B 220 8.12 34.63 -31.74
N LEU B 221 7.89 33.71 -32.66
CA LEU B 221 7.52 34.11 -34.02
C LEU B 221 6.26 34.97 -34.05
N HIS C 2 -9.49 -20.39 42.53
CA HIS C 2 -9.29 -20.94 41.15
C HIS C 2 -8.70 -19.86 40.23
N TYR C 4 -6.28 -17.22 38.83
CA TYR C 4 -4.83 -17.08 38.93
C TYR C 4 -4.44 -15.74 39.53
N GLN C 5 -3.34 -15.74 40.28
CA GLN C 5 -2.81 -14.53 40.90
C GLN C 5 -1.32 -14.75 41.10
N HIS C 6 -0.53 -13.69 41.00
CA HIS C 6 0.90 -13.87 41.18
C HIS C 6 1.19 -14.16 42.64
N HIS C 7 2.11 -15.09 42.88
CA HIS C 7 2.50 -15.44 44.23
C HIS C 7 3.98 -15.80 44.25
N ASN C 8 4.59 -15.72 45.42
CA ASN C 8 5.99 -16.07 45.55
C ASN C 8 5.99 -17.59 45.67
N TRP C 9 7.16 -18.20 45.79
CA TRP C 9 7.24 -19.65 45.88
C TRP C 9 6.34 -20.18 47.01
N GLN C 10 6.62 -19.72 48.23
CA GLN C 10 5.91 -20.09 49.44
C GLN C 10 4.37 -20.08 49.29
N GLY C 11 3.85 -19.11 48.54
CA GLY C 11 2.41 -19.02 48.34
C GLY C 11 1.81 -17.64 48.58
N ALA C 12 2.58 -16.73 49.15
CA ALA C 12 2.08 -15.39 49.43
C ALA C 12 1.68 -14.70 48.14
N LEU C 13 0.67 -13.82 48.21
CA LEU C 13 0.26 -13.09 47.03
C LEU C 13 1.22 -11.92 46.77
N LEU C 14 1.65 -11.75 45.53
CA LEU C 14 2.53 -10.63 45.18
C LEU C 14 1.63 -9.47 44.77
N ASP C 15 1.99 -8.26 45.19
CA ASP C 15 1.19 -7.08 44.87
C ASP C 15 1.41 -6.55 43.44
N TYR C 16 1.07 -7.36 42.44
CA TYR C 16 1.21 -6.97 41.03
C TYR C 16 -0.03 -7.41 40.25
N PRO C 17 -0.45 -6.59 39.30
CA PRO C 17 -1.61 -6.92 38.49
C PRO C 17 -1.26 -8.09 37.58
N VAL C 18 -2.28 -8.62 36.92
CA VAL C 18 -2.09 -9.72 36.02
C VAL C 18 -2.73 -9.23 34.72
N SER C 19 -2.01 -9.34 33.59
CA SER C 19 -2.51 -8.87 32.31
C SER C 19 -2.12 -9.68 31.06
N LYS C 20 -0.83 -9.87 30.84
CA LYS C 20 -0.39 -10.63 29.67
C LYS C 20 0.96 -11.31 29.86
N VAL C 21 1.30 -12.18 28.89
CA VAL C 21 2.56 -12.91 28.89
C VAL C 21 3.18 -12.84 27.49
N VAL C 22 4.33 -12.18 27.39
CA VAL C 22 5.00 -12.08 26.10
C VAL C 22 5.99 -13.24 26.01
N CYS C 23 6.03 -13.93 24.87
CA CYS C 23 6.89 -15.12 24.73
C CYS C 23 7.74 -15.20 23.47
N VAL C 24 8.91 -15.85 23.60
CA VAL C 24 9.83 -16.08 22.48
C VAL C 24 9.40 -17.40 21.85
N GLY C 25 9.60 -17.53 20.54
CA GLY C 25 9.21 -18.75 19.86
C GLY C 25 10.22 -19.88 19.95
N SER C 26 11.47 -19.58 19.58
CA SER C 26 12.56 -20.54 19.60
C SER C 26 13.78 -19.77 20.05
N ASN C 27 14.31 -20.13 21.21
CA ASN C 27 15.44 -19.39 21.76
C ASN C 27 16.55 -20.25 22.38
N TYR C 28 16.65 -21.52 22.00
CA TYR C 28 17.68 -22.39 22.57
C TYR C 28 18.62 -23.08 21.58
N ALA C 29 19.71 -23.63 22.10
CA ALA C 29 20.70 -24.32 21.28
C ALA C 29 20.29 -25.77 21.01
N PRO C 40 21.58 -14.09 15.27
CA PRO C 40 20.66 -14.76 14.33
C PRO C 40 19.54 -13.82 13.88
N GLU C 41 18.37 -14.40 13.56
CA GLU C 41 17.22 -13.60 13.14
C GLU C 41 16.78 -12.83 14.38
N GLU C 42 15.70 -12.06 14.26
CA GLU C 42 15.23 -11.35 15.42
C GLU C 42 14.24 -12.22 16.15
N PRO C 43 14.24 -12.16 17.48
CA PRO C 43 13.34 -12.96 18.34
C PRO C 43 11.92 -13.06 17.79
N VAL C 44 11.32 -14.24 17.87
CA VAL C 44 9.94 -14.44 17.41
C VAL C 44 9.06 -14.08 18.61
N LEU C 45 8.06 -13.23 18.38
CA LEU C 45 7.22 -12.78 19.48
C LEU C 45 5.73 -13.08 19.38
N PHE C 46 5.18 -13.66 20.44
CA PHE C 46 3.76 -13.93 20.49
C PHE C 46 3.33 -13.69 21.91
N ILE C 47 2.03 -13.47 22.12
CA ILE C 47 1.51 -13.14 23.44
C ILE C 47 0.35 -14.00 23.96
N LYS C 48 0.44 -14.34 25.24
CA LYS C 48 -0.62 -15.13 25.86
C LYS C 48 -1.46 -14.16 26.72
N PRO C 49 -2.78 -14.16 26.53
CA PRO C 49 -3.68 -13.30 27.28
C PRO C 49 -3.78 -13.78 28.73
N GLU C 50 -4.30 -12.90 29.58
CA GLU C 50 -4.48 -13.17 31.02
C GLU C 50 -5.31 -14.42 31.24
N THR C 51 -6.18 -14.68 30.28
CA THR C 51 -7.06 -15.81 30.34
C THR C 51 -6.33 -17.14 30.10
N ALA C 52 -5.01 -17.10 30.10
CA ALA C 52 -4.21 -18.29 29.84
C ALA C 52 -3.38 -18.74 31.02
N LEU C 53 -3.23 -17.85 32.00
CA LEU C 53 -2.46 -18.18 33.19
C LEU C 53 -3.24 -19.09 34.17
N CYS C 54 -2.53 -20.02 34.79
CA CYS C 54 -3.14 -20.93 35.76
C CYS C 54 -2.07 -21.31 36.78
N ASP C 55 -2.49 -21.90 37.89
CA ASP C 55 -1.57 -22.31 38.95
C ASP C 55 -0.93 -23.63 38.56
N LEU C 56 0.39 -23.61 38.39
CA LEU C 56 1.12 -24.82 38.00
C LEU C 56 1.25 -25.83 39.12
N ARG C 57 0.74 -25.48 40.30
CA ARG C 57 0.79 -26.37 41.45
C ARG C 57 -0.48 -27.20 41.46
N GLN C 58 -1.47 -26.80 40.68
CA GLN C 58 -2.73 -27.53 40.61
C GLN C 58 -2.81 -28.41 39.37
N PRO C 59 -3.76 -29.34 39.33
CA PRO C 59 -3.89 -30.21 38.16
C PRO C 59 -4.14 -29.48 36.85
N LEU C 60 -3.27 -29.68 35.87
CA LEU C 60 -3.41 -29.02 34.58
C LEU C 60 -4.58 -29.54 33.72
N ALA C 61 -5.37 -28.62 33.17
CA ALA C 61 -6.48 -28.97 32.29
C ALA C 61 -6.07 -28.57 30.87
N ILE C 62 -5.98 -29.56 29.98
CA ILE C 62 -5.59 -29.29 28.61
C ILE C 62 -6.74 -29.57 27.65
N PRO C 63 -6.72 -28.98 26.44
CA PRO C 63 -7.79 -29.19 25.45
C PRO C 63 -7.84 -30.66 25.03
N SER C 64 -9.04 -31.13 24.77
CA SER C 64 -9.24 -32.52 24.39
C SER C 64 -9.64 -32.70 22.92
N ASP C 65 -10.11 -31.64 22.28
CA ASP C 65 -10.55 -31.74 20.89
C ASP C 65 -9.75 -30.96 19.85
N PHE C 66 -8.48 -30.65 20.15
CA PHE C 66 -7.68 -29.91 19.18
C PHE C 66 -6.33 -30.54 18.86
N GLY C 67 -6.26 -31.86 18.93
CA GLY C 67 -5.02 -32.55 18.60
C GLY C 67 -3.95 -32.57 19.68
N SER C 68 -2.73 -32.86 19.26
CA SER C 68 -1.58 -32.94 20.17
C SER C 68 -1.39 -31.69 21.04
N VAL C 69 -1.06 -31.92 22.30
CA VAL C 69 -0.82 -30.84 23.27
C VAL C 69 0.61 -31.02 23.79
N HIS C 70 1.48 -30.05 23.51
CA HIS C 70 2.88 -30.16 23.94
C HIS C 70 3.28 -29.33 25.15
N HIS C 71 4.41 -29.72 25.73
CA HIS C 71 4.96 -29.04 26.89
C HIS C 71 6.28 -28.35 26.56
N GLU C 72 6.44 -27.13 27.05
CA GLU C 72 7.64 -26.35 26.82
C GLU C 72 7.94 -25.68 28.15
N VAL C 73 8.92 -26.20 28.89
CA VAL C 73 9.29 -25.58 30.16
C VAL C 73 10.20 -24.38 29.86
N GLU C 74 9.86 -23.23 30.42
CA GLU C 74 10.65 -22.02 30.17
C GLU C 74 10.86 -21.22 31.46
N LEU C 75 11.99 -20.51 31.55
CA LEU C 75 12.28 -19.66 32.70
C LEU C 75 11.35 -18.46 32.59
N ALA C 76 10.52 -18.25 33.61
CA ALA C 76 9.56 -17.14 33.60
C ALA C 76 10.07 -15.97 34.42
N VAL C 77 9.94 -14.79 33.85
CA VAL C 77 10.39 -13.54 34.45
C VAL C 77 9.19 -12.63 34.74
N LEU C 78 9.12 -12.10 35.95
CA LEU C 78 8.01 -11.20 36.33
C LEU C 78 8.47 -9.75 36.27
N ILE C 79 7.73 -8.92 35.54
CA ILE C 79 8.07 -7.51 35.41
C ILE C 79 7.57 -6.68 36.59
N GLY C 80 8.48 -5.88 37.16
CA GLY C 80 8.13 -5.06 38.31
C GLY C 80 7.76 -3.62 38.01
N ALA C 81 8.09 -3.14 36.82
CA ALA C 81 7.77 -1.76 36.45
C ALA C 81 7.56 -1.65 34.94
N THR C 82 7.05 -0.51 34.50
CA THR C 82 6.78 -0.34 33.07
C THR C 82 8.06 -0.28 32.25
N LEU C 83 8.01 -0.83 31.04
CA LEU C 83 9.15 -0.83 30.14
C LEU C 83 8.68 -0.55 28.70
N ARG C 84 8.98 0.66 28.21
CA ARG C 84 8.62 1.04 26.85
C ARG C 84 9.95 1.38 26.19
N GLN C 85 10.27 0.65 25.13
CA GLN C 85 11.51 0.87 24.40
C GLN C 85 12.58 1.19 25.42
N ALA C 86 12.65 0.35 26.44
CA ALA C 86 13.61 0.50 27.53
C ALA C 86 15.05 0.13 27.16
N THR C 87 15.97 0.64 27.96
CA THR C 87 17.37 0.34 27.78
C THR C 87 17.56 -1.04 28.40
N GLU C 88 18.63 -1.71 27.97
CA GLU C 88 18.92 -3.03 28.48
C GLU C 88 19.09 -2.88 29.98
N GLU C 89 19.50 -1.70 30.42
CA GLU C 89 19.70 -1.46 31.84
C GLU C 89 18.38 -1.27 32.57
N HIS C 90 17.46 -0.48 32.00
CA HIS C 90 16.18 -0.25 32.63
C HIS C 90 15.52 -1.60 32.90
N VAL C 91 15.64 -2.49 31.92
CA VAL C 91 15.08 -3.82 32.02
C VAL C 91 15.54 -4.53 33.29
N ARG C 92 16.83 -4.41 33.62
CA ARG C 92 17.36 -5.07 34.81
C ARG C 92 16.73 -4.59 36.11
N LYS C 93 16.55 -3.28 36.25
CA LYS C 93 15.96 -2.73 37.46
C LYS C 93 14.48 -3.13 37.57
N ALA C 94 13.88 -3.42 36.42
CA ALA C 94 12.48 -3.79 36.34
C ALA C 94 12.13 -5.21 36.76
N ILE C 95 13.00 -6.17 36.45
CA ILE C 95 12.76 -7.56 36.79
C ILE C 95 12.43 -7.71 38.26
N ALA C 96 11.31 -8.37 38.57
CA ALA C 96 10.88 -8.56 39.96
C ALA C 96 11.05 -9.97 40.51
N GLY C 97 11.17 -10.95 39.61
CA GLY C 97 11.35 -12.31 40.08
C GLY C 97 11.50 -13.32 38.98
N TYR C 98 11.63 -14.59 39.38
CA TYR C 98 11.81 -15.67 38.44
C TYR C 98 11.00 -16.89 38.85
N GLY C 99 10.39 -17.55 37.86
CA GLY C 99 9.61 -18.73 38.13
C GLY C 99 9.70 -19.67 36.94
N VAL C 100 8.97 -20.78 36.97
CA VAL C 100 8.99 -21.75 35.87
C VAL C 100 7.63 -21.77 35.22
N ALA C 101 7.60 -22.06 33.93
CA ALA C 101 6.32 -22.12 33.25
C ALA C 101 6.31 -23.20 32.19
N LEU C 102 5.11 -23.46 31.69
CA LEU C 102 4.91 -24.42 30.62
C LEU C 102 4.22 -23.62 29.54
N ASP C 103 4.87 -23.48 28.40
CA ASP C 103 4.26 -22.78 27.28
C ASP C 103 3.49 -23.89 26.59
N LEU C 104 2.34 -24.25 27.16
CA LEU C 104 1.51 -25.30 26.58
C LEU C 104 1.24 -24.82 25.19
N THR C 105 1.22 -25.72 24.23
CA THR C 105 0.99 -25.30 22.88
C THR C 105 0.39 -26.38 22.00
N LEU C 106 -0.73 -26.06 21.37
CA LEU C 106 -1.41 -27.00 20.46
C LEU C 106 -0.57 -27.16 19.18
N ARG C 107 0.51 -27.93 19.27
CA ARG C 107 1.42 -28.15 18.16
C ARG C 107 0.76 -28.46 16.80
N ASP C 108 -0.33 -29.24 16.81
CA ASP C 108 -1.00 -29.58 15.57
C ASP C 108 -1.60 -28.32 14.90
N VAL C 109 -2.26 -27.50 15.72
CA VAL C 109 -2.85 -26.26 15.27
C VAL C 109 -1.72 -25.32 14.86
N GLN C 110 -0.65 -25.30 15.63
CA GLN C 110 0.48 -24.45 15.30
C GLN C 110 0.94 -24.78 13.87
N GLY C 111 1.00 -26.07 13.57
CA GLY C 111 1.42 -26.51 12.24
C GLY C 111 0.56 -25.87 11.16
N LYS C 112 -0.75 -26.05 11.26
CA LYS C 112 -1.66 -25.46 10.28
C LYS C 112 -1.51 -23.94 10.19
N LYS C 114 1.12 -22.11 10.81
CA LYS C 114 2.37 -21.84 10.11
C LYS C 114 2.20 -22.03 8.60
N LYS C 115 1.66 -23.20 8.22
CA LYS C 115 1.44 -23.51 6.81
C LYS C 115 0.66 -22.40 6.10
N ALA C 116 -0.41 -21.93 6.72
CA ALA C 116 -1.24 -20.87 6.12
C ALA C 116 -0.75 -19.48 6.51
N GLY C 117 0.41 -19.41 7.15
CA GLY C 117 0.95 -18.13 7.56
C GLY C 117 -0.08 -17.32 8.33
N GLN C 118 -0.80 -18.00 9.23
CA GLN C 118 -1.85 -17.35 10.02
C GLN C 118 -1.44 -17.06 11.49
N PRO C 119 -2.31 -16.39 12.26
CA PRO C 119 -2.06 -16.05 13.66
C PRO C 119 -1.85 -17.27 14.55
N TRP C 120 -0.93 -17.16 15.51
CA TRP C 120 -0.64 -18.27 16.39
C TRP C 120 -1.59 -18.44 17.57
N GLU C 121 -2.33 -17.37 17.91
CA GLU C 121 -3.26 -17.41 19.02
C GLU C 121 -4.04 -18.72 19.19
N LYS C 122 -4.72 -19.18 18.15
CA LYS C 122 -5.47 -20.42 18.30
C LYS C 122 -4.63 -21.53 18.89
N ALA C 123 -3.31 -21.47 18.67
CA ALA C 123 -2.41 -22.51 19.19
C ALA C 123 -1.57 -22.11 20.40
N LYS C 124 -1.46 -20.83 20.69
CA LYS C 124 -0.63 -20.46 21.82
C LYS C 124 -1.37 -19.78 22.96
N ALA C 125 -2.53 -19.20 22.67
CA ALA C 125 -3.29 -18.47 23.67
C ALA C 125 -4.50 -19.11 24.31
N PHE C 126 -4.82 -20.36 23.98
CA PHE C 126 -5.99 -21.02 24.55
C PHE C 126 -5.98 -20.93 26.07
N ASP C 127 -7.16 -21.03 26.68
CA ASP C 127 -7.25 -20.93 28.14
C ASP C 127 -6.34 -21.88 28.89
N ASN C 128 -5.86 -21.43 30.05
CA ASN C 128 -4.99 -22.24 30.91
C ASN C 128 -3.79 -22.81 30.17
N SER C 129 -3.36 -22.12 29.11
CA SER C 129 -2.21 -22.59 28.32
C SER C 129 -0.88 -22.11 28.87
N CYS C 130 -0.90 -21.56 30.09
CA CYS C 130 0.33 -21.07 30.68
C CYS C 130 0.41 -21.37 32.16
N PRO C 131 0.63 -22.65 32.52
CA PRO C 131 0.72 -23.11 33.92
C PRO C 131 1.97 -22.45 34.50
N LEU C 132 1.81 -21.70 35.59
CA LEU C 132 2.91 -20.93 36.18
C LEU C 132 3.18 -21.27 37.64
N SER C 133 4.45 -21.30 38.00
CA SER C 133 4.85 -21.59 39.38
C SER C 133 4.94 -20.26 40.14
N GLY C 134 5.16 -20.33 41.44
CA GLY C 134 5.28 -19.11 42.21
C GLY C 134 6.54 -18.41 41.74
N PHE C 135 6.71 -17.14 42.09
CA PHE C 135 7.91 -16.41 41.69
C PHE C 135 8.89 -16.19 42.85
N ILE C 136 10.16 -16.42 42.60
CA ILE C 136 11.18 -16.20 43.63
C ILE C 136 11.75 -14.80 43.45
N PRO C 137 11.43 -13.87 44.38
CA PRO C 137 11.93 -12.49 44.27
C PRO C 137 13.34 -12.44 43.70
N ALA C 138 13.57 -11.47 42.83
CA ALA C 138 14.86 -11.31 42.20
C ALA C 138 15.99 -11.24 43.23
N ALA C 139 15.76 -10.49 44.30
CA ALA C 139 16.77 -10.32 45.37
C ALA C 139 17.03 -11.57 46.18
N GLU C 140 16.20 -12.59 46.00
CA GLU C 140 16.35 -13.84 46.75
C GLU C 140 16.66 -15.02 45.84
N PHE C 141 16.69 -14.78 44.53
CA PHE C 141 16.99 -15.86 43.60
C PHE C 141 18.49 -16.10 43.58
N THR C 142 18.94 -17.04 44.41
CA THR C 142 20.36 -17.35 44.45
C THR C 142 20.70 -17.96 43.11
N GLY C 143 21.92 -17.71 42.63
CA GLY C 143 22.30 -18.27 41.35
C GLY C 143 22.11 -17.28 40.22
N ASP C 144 22.43 -17.73 39.01
CA ASP C 144 22.34 -16.89 37.82
C ASP C 144 21.12 -17.22 36.96
N PRO C 145 20.27 -16.22 36.69
CA PRO C 145 19.11 -16.49 35.86
C PRO C 145 19.53 -16.94 34.46
N GLN C 146 20.68 -16.44 34.01
CA GLN C 146 21.24 -16.77 32.70
C GLN C 146 22.00 -18.08 32.71
N ASN C 147 22.38 -18.52 33.90
CA ASN C 147 23.08 -19.79 34.02
C ASN C 147 22.34 -20.55 35.11
N THR C 148 21.17 -21.05 34.74
CA THR C 148 20.32 -21.78 35.67
C THR C 148 19.73 -22.97 34.90
N THR C 149 19.53 -24.09 35.60
CA THR C 149 18.99 -25.30 34.96
C THR C 149 17.47 -25.47 34.94
N LEU C 150 16.95 -26.01 33.84
CA LEU C 150 15.53 -26.25 33.67
C LEU C 150 15.29 -27.71 33.32
N SER C 151 14.37 -28.37 34.02
CA SER C 151 14.09 -29.77 33.73
C SER C 151 12.60 -30.08 33.78
N LEU C 152 12.19 -31.05 32.98
CA LEU C 152 10.79 -31.46 32.93
C LEU C 152 10.76 -32.96 32.68
N SER C 153 10.03 -33.69 33.52
CA SER C 153 9.93 -35.14 33.35
C SER C 153 8.46 -35.52 33.35
N VAL C 154 8.12 -36.56 32.60
CA VAL C 154 6.75 -37.03 32.54
C VAL C 154 6.70 -38.49 32.98
N ASN C 155 6.02 -38.73 34.10
CA ASN C 155 5.90 -40.06 34.67
C ASN C 155 7.32 -40.60 34.85
N GLY C 156 8.12 -39.91 35.67
CA GLY C 156 9.50 -40.33 35.90
C GLY C 156 10.23 -40.64 34.61
N GLU C 157 10.62 -39.61 33.87
CA GLU C 157 11.29 -39.80 32.60
C GLU C 157 11.64 -38.42 32.07
N GLN C 158 12.85 -37.95 32.38
CA GLN C 158 13.28 -36.62 31.95
C GLN C 158 13.12 -36.45 30.45
N ARG C 159 12.46 -35.36 30.04
CA ARG C 159 12.24 -35.05 28.64
C ARG C 159 12.88 -33.73 28.24
N GLN C 160 13.29 -32.95 29.22
CA GLN C 160 13.92 -31.67 28.94
C GLN C 160 14.94 -31.35 30.03
N GLN C 161 16.15 -31.05 29.59
CA GLN C 161 17.25 -30.72 30.48
C GLN C 161 18.11 -29.67 29.77
N GLY C 162 18.47 -28.60 30.47
CA GLY C 162 19.30 -27.57 29.87
C GLY C 162 19.56 -26.41 30.80
N THR C 163 20.21 -25.36 30.29
CA THR C 163 20.52 -24.15 31.04
C THR C 163 20.16 -22.90 30.25
N THR C 164 19.82 -21.84 30.97
CA THR C 164 19.47 -20.58 30.35
C THR C 164 20.71 -19.99 29.73
N ALA C 165 21.80 -20.75 29.78
CA ALA C 165 23.06 -20.30 29.22
C ALA C 165 23.05 -20.55 27.71
N ASP C 166 22.41 -21.64 27.30
CA ASP C 166 22.32 -21.97 25.88
C ASP C 166 21.20 -21.15 25.26
N ILE C 168 19.94 -18.32 23.24
CA ILE C 168 20.46 -17.47 22.17
C ILE C 168 20.27 -16.01 22.61
N HIS C 169 19.07 -15.49 22.39
CA HIS C 169 18.75 -14.13 22.79
C HIS C 169 18.65 -14.12 24.30
N LYS C 170 19.68 -13.61 24.96
CA LYS C 170 19.69 -13.59 26.42
C LYS C 170 18.43 -12.96 27.00
N ILE C 171 18.26 -13.09 28.31
CA ILE C 171 17.08 -12.59 29.02
C ILE C 171 16.78 -11.10 28.88
N VAL C 172 17.47 -10.26 29.66
CA VAL C 172 17.20 -8.82 29.60
C VAL C 172 17.28 -8.25 28.18
N PRO C 173 18.25 -8.70 27.37
CA PRO C 173 18.35 -8.18 26.00
C PRO C 173 17.08 -8.54 25.20
N LEU C 174 16.48 -9.65 25.59
CA LEU C 174 15.29 -10.15 24.94
C LEU C 174 14.07 -9.39 25.45
N ILE C 175 14.13 -8.92 26.69
CA ILE C 175 13.02 -8.18 27.27
C ILE C 175 12.96 -6.76 26.72
N ALA C 176 14.14 -6.17 26.50
CA ALA C 176 14.20 -4.82 25.95
C ALA C 176 13.70 -4.85 24.51
N TYR C 177 14.09 -5.87 23.76
CA TYR C 177 13.64 -5.99 22.37
C TYR C 177 12.13 -6.03 22.35
N SER C 179 10.02 -4.83 24.47
CA SER C 179 9.39 -3.55 24.81
C SER C 179 9.47 -2.56 23.64
N LYS C 180 9.87 -3.07 22.49
CA LYS C 180 9.98 -2.24 21.30
C LYS C 180 8.64 -2.28 20.57
N PHE C 181 7.94 -3.40 20.73
CA PHE C 181 6.64 -3.56 20.09
C PHE C 181 5.50 -3.42 21.10
N PHE C 182 5.74 -3.92 22.32
CA PHE C 182 4.74 -3.89 23.38
C PHE C 182 5.29 -3.42 24.71
N THR C 183 4.72 -2.36 25.30
CA THR C 183 5.23 -1.93 26.58
C THR C 183 4.82 -3.03 27.55
N LEU C 184 5.72 -3.36 28.47
CA LEU C 184 5.46 -4.38 29.45
C LEU C 184 5.10 -3.68 30.75
N LYS C 185 3.89 -3.88 31.24
CA LYS C 185 3.49 -3.26 32.49
C LYS C 185 3.77 -4.20 33.66
N ALA C 186 3.88 -3.64 34.87
CA ALA C 186 4.12 -4.43 36.08
C ALA C 186 3.09 -5.54 36.16
N GLY C 187 3.54 -6.73 36.49
CA GLY C 187 2.62 -7.84 36.59
C GLY C 187 2.74 -8.71 35.35
N ASP C 188 3.20 -8.11 34.25
CA ASP C 188 3.38 -8.85 33.01
C ASP C 188 4.45 -9.93 33.19
N VAL C 189 4.29 -11.04 32.47
CA VAL C 189 5.25 -12.13 32.56
C VAL C 189 5.91 -12.38 31.24
N VAL C 190 7.20 -12.76 31.30
CA VAL C 190 7.92 -13.05 30.08
C VAL C 190 8.41 -14.48 30.11
N LEU C 191 8.13 -15.21 29.04
CA LEU C 191 8.59 -16.58 28.91
C LEU C 191 9.80 -16.53 27.96
N THR C 192 10.92 -17.07 28.41
CA THR C 192 12.16 -16.98 27.64
C THR C 192 12.63 -18.15 26.75
N GLY C 193 11.72 -19.02 26.31
CA GLY C 193 12.11 -20.13 25.44
C GLY C 193 12.31 -21.49 26.09
N THR C 194 12.25 -22.55 25.27
CA THR C 194 12.42 -23.91 25.75
C THR C 194 13.60 -24.62 25.11
N PRO C 195 14.30 -25.48 25.89
CA PRO C 195 15.45 -26.21 25.34
C PRO C 195 14.87 -27.35 24.49
N ASP C 196 15.71 -28.33 24.15
CA ASP C 196 15.25 -29.47 23.36
C ASP C 196 14.40 -30.38 24.24
N GLY C 197 13.44 -31.07 23.65
CA GLY C 197 12.60 -31.96 24.44
C GLY C 197 11.09 -31.81 24.36
N VAL C 198 10.62 -30.77 23.69
CA VAL C 198 9.18 -30.55 23.56
C VAL C 198 8.47 -31.85 23.17
N GLY C 199 7.57 -32.30 24.03
CA GLY C 199 6.83 -33.51 23.74
C GLY C 199 5.37 -33.32 24.01
N PRO C 200 4.56 -34.38 23.89
CA PRO C 200 3.12 -34.26 24.13
C PRO C 200 2.76 -34.55 25.59
N LEU C 201 1.60 -34.08 26.01
CA LEU C 201 1.10 -34.33 27.35
C LEU C 201 -0.24 -34.99 27.12
N GLN C 202 -0.64 -35.86 28.03
CA GLN C 202 -1.92 -36.55 27.92
C GLN C 202 -2.49 -36.81 29.30
N SER C 203 -3.82 -36.83 29.39
CA SER C 203 -4.49 -37.03 30.67
C SER C 203 -3.78 -38.05 31.54
N GLY C 204 -3.80 -37.81 32.84
CA GLY C 204 -3.17 -38.74 33.75
C GLY C 204 -1.69 -38.52 33.96
N ASP C 205 -1.01 -38.04 32.90
CA ASP C 205 0.43 -37.80 32.98
C ASP C 205 0.78 -37.04 34.26
N GLU C 206 1.91 -37.38 34.87
CA GLU C 206 2.36 -36.68 36.06
C GLU C 206 3.68 -36.06 35.66
N LEU C 207 3.73 -34.75 35.69
CA LEU C 207 4.94 -34.05 35.30
C LEU C 207 5.57 -33.34 36.48
N THR C 208 6.90 -33.36 36.52
CA THR C 208 7.61 -32.65 37.54
C THR C 208 8.52 -31.67 36.77
N VAL C 209 8.37 -30.38 37.07
CA VAL C 209 9.14 -29.34 36.41
C VAL C 209 10.13 -28.79 37.45
N THR C 210 11.37 -28.52 37.04
CA THR C 210 12.37 -28.05 37.99
C THR C 210 13.27 -26.95 37.45
N PHE C 211 13.62 -25.98 38.30
CA PHE C 211 14.55 -24.93 37.88
C PHE C 211 15.56 -24.56 38.97
N ASP C 212 16.60 -25.39 39.07
CA ASP C 212 17.71 -25.22 40.02
C ASP C 212 17.35 -24.96 41.46
N GLY C 213 17.23 -26.05 42.22
CA GLY C 213 16.93 -25.93 43.63
C GLY C 213 15.45 -26.05 43.95
N HIS C 214 14.61 -25.85 42.93
CA HIS C 214 13.17 -25.91 43.12
C HIS C 214 12.46 -26.77 42.09
N SER C 215 11.54 -27.61 42.55
CA SER C 215 10.78 -28.48 41.64
C SER C 215 9.29 -28.58 42.03
N LEU C 216 8.48 -28.94 41.05
CA LEU C 216 7.04 -29.07 41.23
C LEU C 216 6.56 -30.35 40.62
N THR C 217 5.37 -30.77 41.03
CA THR C 217 4.76 -31.96 40.47
C THR C 217 3.25 -31.82 40.54
N THR C 218 2.62 -32.05 39.39
CA THR C 218 1.17 -32.03 39.22
C THR C 218 0.92 -33.02 38.12
N ARG C 219 -0.34 -33.34 37.91
CA ARG C 219 -0.70 -34.24 36.84
C ARG C 219 -1.66 -33.51 35.91
N VAL C 220 -1.93 -34.12 34.75
CA VAL C 220 -2.83 -33.54 33.78
C VAL C 220 -4.19 -34.19 33.97
N LEU C 221 -5.22 -33.40 34.25
CA LEU C 221 -6.56 -33.95 34.43
C LEU C 221 -6.93 -34.84 33.23
N HIS D 2 -4.63 9.19 32.41
CA HIS D 2 -4.89 9.52 30.98
C HIS D 2 -4.70 8.32 30.05
N TYR D 4 -6.36 4.50 28.50
CA TYR D 4 -7.66 4.02 28.05
C TYR D 4 -8.49 3.34 29.13
N GLN D 5 -9.80 3.54 29.04
CA GLN D 5 -10.77 2.93 29.95
C GLN D 5 -12.13 2.89 29.25
N HIS D 6 -12.83 1.77 29.38
CA HIS D 6 -14.13 1.62 28.74
C HIS D 6 -15.09 2.74 29.14
N HIS D 7 -15.75 3.32 28.15
CA HIS D 7 -16.67 4.40 28.40
C HIS D 7 -17.77 4.44 27.36
N ASN D 8 -18.93 4.98 27.74
CA ASN D 8 -20.05 5.11 26.82
C ASN D 8 -19.72 6.21 25.84
N TRP D 9 -20.60 6.40 24.86
CA TRP D 9 -20.40 7.41 23.83
C TRP D 9 -20.25 8.83 24.36
N GLN D 10 -20.89 9.10 25.49
CA GLN D 10 -20.84 10.42 26.11
C GLN D 10 -19.50 10.70 26.81
N GLY D 11 -18.83 9.65 27.29
CA GLY D 11 -17.56 9.82 27.99
C GLY D 11 -17.61 9.27 29.42
N ALA D 12 -18.76 8.74 29.83
CA ALA D 12 -18.86 8.20 31.17
C ALA D 12 -18.20 6.82 31.22
N LEU D 13 -17.49 6.56 32.31
CA LEU D 13 -16.79 5.30 32.50
C LEU D 13 -17.75 4.15 32.70
N LEU D 14 -17.57 3.08 31.95
CA LEU D 14 -18.41 1.90 32.09
C LEU D 14 -17.81 1.13 33.27
N ASP D 15 -18.61 0.27 33.89
CA ASP D 15 -18.15 -0.51 35.03
C ASP D 15 -17.62 -1.87 34.55
N TYR D 16 -16.66 -1.84 33.64
CA TYR D 16 -16.06 -3.07 33.11
C TYR D 16 -14.55 -2.95 33.08
N PRO D 17 -13.86 -4.03 33.41
CA PRO D 17 -12.40 -3.96 33.37
C PRO D 17 -11.94 -4.01 31.92
N VAL D 18 -10.65 -3.80 31.71
CA VAL D 18 -10.05 -3.83 30.38
C VAL D 18 -9.09 -5.00 30.39
N SER D 19 -9.13 -5.83 29.36
CA SER D 19 -8.22 -6.98 29.33
C SER D 19 -7.60 -7.23 27.97
N LYS D 20 -8.42 -7.66 27.02
CA LYS D 20 -7.95 -7.98 25.69
C LYS D 20 -9.01 -7.73 24.62
N VAL D 21 -8.54 -7.75 23.37
CA VAL D 21 -9.40 -7.56 22.21
C VAL D 21 -9.14 -8.77 21.31
N VAL D 22 -10.20 -9.51 20.96
CA VAL D 22 -10.06 -10.68 20.10
C VAL D 22 -10.63 -10.30 18.73
N CYS D 23 -9.80 -10.40 17.69
CA CYS D 23 -10.22 -9.98 16.34
C CYS D 23 -10.29 -11.06 15.26
N VAL D 24 -10.95 -10.72 14.15
CA VAL D 24 -11.09 -11.61 13.02
C VAL D 24 -10.12 -11.18 11.93
N GLY D 25 -9.72 -12.13 11.10
CA GLY D 25 -8.84 -11.80 9.99
C GLY D 25 -9.80 -11.18 9.01
N SER D 26 -9.92 -11.76 7.82
CA SER D 26 -10.87 -11.23 6.83
C SER D 26 -12.25 -11.78 7.17
N ASN D 27 -13.26 -10.92 7.18
CA ASN D 27 -14.62 -11.36 7.51
C ASN D 27 -15.69 -10.64 6.69
N TYR D 28 -15.28 -10.04 5.58
CA TYR D 28 -16.21 -9.32 4.72
C TYR D 28 -16.10 -9.74 3.26
N ALA D 29 -17.24 -9.80 2.57
CA ALA D 29 -17.30 -10.19 1.17
C ALA D 29 -16.01 -9.87 0.40
N VAL D 39 -19.08 -23.60 3.01
CA VAL D 39 -18.09 -23.04 2.10
C VAL D 39 -17.16 -22.01 2.77
N PRO D 40 -17.66 -21.23 3.76
CA PRO D 40 -16.80 -20.24 4.41
C PRO D 40 -15.79 -20.85 5.38
N GLU D 41 -14.50 -20.64 5.11
CA GLU D 41 -13.43 -21.17 5.95
C GLU D 41 -13.49 -20.76 7.41
N GLU D 42 -12.67 -21.42 8.23
CA GLU D 42 -12.59 -21.14 9.65
C GLU D 42 -12.17 -19.68 9.85
N PRO D 43 -12.86 -18.96 10.75
CA PRO D 43 -12.50 -17.57 10.98
C PRO D 43 -11.05 -17.47 11.47
N VAL D 44 -10.28 -16.53 10.91
CA VAL D 44 -8.90 -16.32 11.34
C VAL D 44 -8.98 -15.51 12.62
N LEU D 45 -8.32 -15.99 13.67
CA LEU D 45 -8.36 -15.34 14.97
C LEU D 45 -7.00 -14.93 15.52
N PHE D 46 -6.94 -13.72 16.07
CA PHE D 46 -5.74 -13.19 16.71
C PHE D 46 -6.20 -12.28 17.85
N ILE D 47 -5.27 -11.87 18.71
CA ILE D 47 -5.63 -11.04 19.87
C ILE D 47 -4.72 -9.83 20.05
N LYS D 48 -5.27 -8.79 20.67
CA LYS D 48 -4.53 -7.56 20.97
C LYS D 48 -4.60 -7.36 22.50
N PRO D 49 -3.47 -7.03 23.16
CA PRO D 49 -3.45 -6.83 24.61
C PRO D 49 -4.13 -5.53 25.05
N GLU D 50 -4.23 -5.34 26.36
CA GLU D 50 -4.85 -4.13 26.89
C GLU D 50 -3.95 -2.95 26.57
N THR D 51 -2.67 -3.23 26.45
CA THR D 51 -1.70 -2.22 26.18
C THR D 51 -1.74 -1.69 24.74
N ALA D 52 -2.72 -2.13 23.96
CA ALA D 52 -2.86 -1.67 22.57
C ALA D 52 -4.16 -0.86 22.42
N LEU D 53 -4.93 -0.83 23.50
CA LEU D 53 -6.18 -0.07 23.53
C LEU D 53 -5.90 1.41 23.78
N CYS D 54 -6.69 2.26 23.16
CA CYS D 54 -6.54 3.69 23.36
C CYS D 54 -7.73 4.45 22.81
N ASP D 55 -7.95 5.63 23.37
CA ASP D 55 -9.04 6.51 23.00
C ASP D 55 -8.95 6.99 21.55
N LEU D 56 -9.98 6.69 20.77
CA LEU D 56 -10.01 7.07 19.37
C LEU D 56 -10.37 8.55 19.20
N ARG D 57 -10.91 9.13 20.27
CA ARG D 57 -11.32 10.54 20.26
C ARG D 57 -10.12 11.46 20.39
N GLN D 58 -8.94 10.88 20.57
CA GLN D 58 -7.71 11.68 20.71
C GLN D 58 -6.76 11.48 19.55
N PRO D 59 -5.73 12.33 19.46
CA PRO D 59 -4.79 12.15 18.35
C PRO D 59 -4.05 10.81 18.43
N LEU D 60 -4.15 10.02 17.36
CA LEU D 60 -3.53 8.70 17.26
C LEU D 60 -2.01 8.67 17.04
N ALA D 61 -1.30 7.96 17.90
CA ALA D 61 0.13 7.81 17.76
C ALA D 61 0.36 6.53 16.99
N ILE D 62 1.13 6.60 15.91
CA ILE D 62 1.44 5.40 15.14
C ILE D 62 2.96 5.26 15.10
N PRO D 63 3.46 4.05 14.84
CA PRO D 63 4.91 3.80 14.78
C PRO D 63 5.53 4.56 13.61
N SER D 64 6.84 4.57 13.54
CA SER D 64 7.48 5.26 12.44
C SER D 64 8.64 4.49 11.85
N ASP D 65 9.26 3.64 12.65
CA ASP D 65 10.39 2.85 12.17
C ASP D 65 10.03 1.40 11.87
N PHE D 66 8.86 1.16 11.31
CA PHE D 66 8.42 -0.20 10.99
C PHE D 66 7.67 -0.28 9.68
N GLY D 67 7.69 0.79 8.90
CA GLY D 67 7.02 0.75 7.63
C GLY D 67 5.59 1.20 7.60
N SER D 68 4.88 0.74 6.58
CA SER D 68 3.49 1.11 6.38
C SER D 68 2.60 0.75 7.57
N VAL D 69 1.64 1.63 7.84
CA VAL D 69 0.68 1.45 8.93
C VAL D 69 -0.71 1.52 8.32
N HIS D 70 -1.49 0.46 8.45
CA HIS D 70 -2.84 0.47 7.89
C HIS D 70 -4.01 0.57 8.87
N HIS D 71 -5.09 1.15 8.37
CA HIS D 71 -6.31 1.34 9.15
C HIS D 71 -7.37 0.36 8.67
N GLU D 72 -8.14 -0.15 9.62
CA GLU D 72 -9.21 -1.09 9.35
C GLU D 72 -10.37 -0.69 10.24
N VAL D 73 -11.30 0.09 9.71
CA VAL D 73 -12.46 0.48 10.50
C VAL D 73 -13.30 -0.77 10.76
N GLU D 74 -13.49 -1.12 12.02
CA GLU D 74 -14.26 -2.31 12.35
C GLU D 74 -15.30 -2.02 13.42
N LEU D 75 -16.35 -2.84 13.46
CA LEU D 75 -17.40 -2.71 14.46
C LEU D 75 -16.92 -3.44 15.72
N ALA D 76 -16.95 -2.74 16.85
CA ALA D 76 -16.51 -3.29 18.13
C ALA D 76 -17.64 -3.76 19.01
N VAL D 77 -17.46 -4.91 19.61
CA VAL D 77 -18.46 -5.49 20.49
C VAL D 77 -17.89 -5.61 21.90
N LEU D 78 -18.51 -4.92 22.85
CA LEU D 78 -18.08 -4.97 24.24
C LEU D 78 -18.78 -6.12 24.90
N ILE D 79 -18.04 -6.92 25.65
CA ILE D 79 -18.64 -8.06 26.31
C ILE D 79 -18.87 -7.83 27.79
N GLY D 80 -20.11 -8.05 28.22
CA GLY D 80 -20.46 -7.86 29.62
C GLY D 80 -20.47 -9.07 30.52
N ALA D 81 -20.30 -10.25 29.95
CA ALA D 81 -20.30 -11.45 30.77
C ALA D 81 -19.38 -12.48 30.16
N THR D 82 -18.95 -13.42 31.00
CA THR D 82 -18.05 -14.44 30.56
C THR D 82 -18.67 -15.49 29.63
N LEU D 83 -17.97 -15.71 28.52
CA LEU D 83 -18.35 -16.66 27.49
C LEU D 83 -17.24 -17.70 27.30
N ARG D 84 -17.60 -18.98 27.48
CA ARG D 84 -16.68 -20.11 27.32
C ARG D 84 -17.49 -21.23 26.71
N GLN D 85 -17.06 -21.74 25.55
CA GLN D 85 -17.81 -22.80 24.88
C GLN D 85 -19.26 -22.38 24.86
N ALA D 86 -19.48 -21.08 24.65
CA ALA D 86 -20.81 -20.49 24.64
C ALA D 86 -21.76 -20.89 23.51
N THR D 87 -23.05 -20.76 23.78
CA THR D 87 -24.09 -21.06 22.82
C THR D 87 -24.52 -19.72 22.22
N GLU D 88 -25.17 -19.75 21.07
CA GLU D 88 -25.63 -18.51 20.45
C GLU D 88 -26.40 -17.65 21.46
N GLU D 89 -27.19 -18.27 22.34
CA GLU D 89 -27.95 -17.48 23.31
C GLU D 89 -27.12 -16.85 24.44
N HIS D 90 -26.05 -17.53 24.87
CA HIS D 90 -25.21 -16.96 25.91
C HIS D 90 -24.61 -15.70 25.29
N VAL D 91 -24.14 -15.82 24.05
CA VAL D 91 -23.55 -14.69 23.36
C VAL D 91 -24.52 -13.50 23.41
N ARG D 92 -25.65 -13.59 22.71
CA ARG D 92 -26.62 -12.50 22.70
C ARG D 92 -26.88 -11.89 24.07
N LYS D 93 -26.99 -12.74 25.10
CA LYS D 93 -27.25 -12.28 26.46
C LYS D 93 -26.02 -11.64 27.12
N ALA D 94 -24.84 -11.83 26.54
CA ALA D 94 -23.63 -11.28 27.15
C ALA D 94 -23.01 -10.05 26.47
N ILE D 95 -23.35 -9.80 25.21
CA ILE D 95 -22.79 -8.63 24.54
C ILE D 95 -23.36 -7.40 25.25
N ALA D 96 -22.45 -6.56 25.76
CA ALA D 96 -22.84 -5.36 26.50
C ALA D 96 -22.99 -4.07 25.71
N GLY D 97 -22.37 -3.96 24.53
CA GLY D 97 -22.50 -2.73 23.78
C GLY D 97 -21.72 -2.70 22.48
N TYR D 98 -21.96 -1.66 21.67
CA TYR D 98 -21.30 -1.52 20.38
C TYR D 98 -20.59 -0.18 20.16
N GLY D 99 -19.57 -0.20 19.31
CA GLY D 99 -18.82 1.00 18.99
C GLY D 99 -17.95 0.72 17.78
N VAL D 100 -17.22 1.73 17.31
CA VAL D 100 -16.32 1.55 16.17
C VAL D 100 -14.91 1.52 16.69
N ALA D 101 -14.05 0.81 15.96
CA ALA D 101 -12.65 0.73 16.34
C ALA D 101 -11.79 0.75 15.11
N LEU D 102 -10.49 0.87 15.34
CA LEU D 102 -9.52 0.89 14.27
C LEU D 102 -8.57 -0.28 14.50
N ASP D 103 -8.47 -1.17 13.52
CA ASP D 103 -7.59 -2.33 13.62
C ASP D 103 -6.29 -1.91 12.95
N LEU D 104 -5.47 -1.14 13.67
CA LEU D 104 -4.21 -0.68 13.13
C LEU D 104 -3.21 -1.81 12.97
N THR D 105 -2.72 -1.97 11.74
CA THR D 105 -1.75 -3.02 11.48
C THR D 105 -0.54 -2.49 10.73
N LEU D 106 0.61 -3.12 10.98
CA LEU D 106 1.85 -2.76 10.29
C LEU D 106 1.92 -3.71 9.08
N ARG D 107 1.50 -3.24 7.91
CA ARG D 107 1.48 -4.09 6.72
C ARG D 107 2.80 -4.67 6.28
N ASP D 108 3.85 -3.87 6.29
CA ASP D 108 5.15 -4.39 5.86
C ASP D 108 5.63 -5.49 6.81
N VAL D 109 5.14 -5.43 8.04
CA VAL D 109 5.53 -6.40 9.06
C VAL D 109 4.66 -7.65 9.01
N GLN D 110 3.36 -7.48 8.76
CA GLN D 110 2.47 -8.62 8.70
C GLN D 110 2.80 -9.41 7.44
N GLY D 111 3.17 -8.70 6.39
CA GLY D 111 3.52 -9.33 5.15
C GLY D 111 4.68 -10.29 5.37
N LYS D 112 5.68 -9.83 6.12
CA LYS D 112 6.86 -10.64 6.41
C LYS D 112 6.55 -11.80 7.37
N LYS D 114 3.55 -13.33 7.63
CA LYS D 114 2.75 -14.28 6.85
C LYS D 114 3.61 -15.23 6.01
N LYS D 115 4.55 -14.67 5.26
CA LYS D 115 5.43 -15.46 4.40
C LYS D 115 6.24 -16.47 5.21
N ALA D 116 6.53 -16.13 6.46
CA ALA D 116 7.31 -17.01 7.31
C ALA D 116 6.48 -17.90 8.24
N GLY D 117 5.16 -17.67 8.29
CA GLY D 117 4.32 -18.48 9.16
C GLY D 117 4.72 -18.22 10.60
N GLN D 118 4.94 -16.95 10.93
CA GLN D 118 5.33 -16.55 12.27
C GLN D 118 4.16 -15.83 12.94
N PRO D 119 4.30 -15.46 14.22
CA PRO D 119 3.23 -14.76 14.96
C PRO D 119 2.90 -13.36 14.44
N TRP D 120 1.61 -13.04 14.37
CA TRP D 120 1.14 -11.73 13.91
C TRP D 120 1.29 -10.62 14.96
N GLU D 121 1.62 -11.00 16.20
CA GLU D 121 1.75 -10.03 17.30
C GLU D 121 2.52 -8.75 16.99
N LYS D 122 3.63 -8.88 16.26
CA LYS D 122 4.45 -7.71 15.94
C LYS D 122 3.83 -6.78 14.92
N ALA D 123 2.75 -7.20 14.28
CA ALA D 123 2.12 -6.37 13.26
C ALA D 123 0.68 -5.99 13.59
N LYS D 124 0.04 -6.76 14.47
CA LYS D 124 -1.34 -6.50 14.85
C LYS D 124 -1.52 -6.12 16.31
N ALA D 125 -0.50 -6.35 17.15
CA ALA D 125 -0.67 -6.03 18.57
C ALA D 125 0.28 -5.02 19.21
N PHE D 126 0.89 -4.15 18.41
CA PHE D 126 1.81 -3.15 18.96
C PHE D 126 1.02 -2.13 19.78
N ASP D 127 1.76 -1.28 20.48
CA ASP D 127 1.17 -0.25 21.33
C ASP D 127 0.20 0.69 20.63
N ASN D 128 -0.97 0.86 21.23
CA ASN D 128 -2.02 1.73 20.71
C ASN D 128 -2.39 1.33 19.30
N SER D 129 -2.47 0.02 19.06
CA SER D 129 -2.81 -0.47 17.72
C SER D 129 -4.31 -0.74 17.60
N CYS D 130 -5.07 -0.29 18.60
CA CYS D 130 -6.51 -0.49 18.61
C CYS D 130 -7.28 0.69 19.20
N PRO D 131 -7.45 1.77 18.42
CA PRO D 131 -8.17 2.97 18.85
C PRO D 131 -9.67 2.65 18.97
N LEU D 132 -10.30 2.97 20.09
CA LEU D 132 -11.72 2.67 20.29
C LEU D 132 -12.57 3.88 20.63
N SER D 133 -13.82 3.86 20.19
CA SER D 133 -14.74 4.95 20.48
C SER D 133 -15.49 4.55 21.73
N GLY D 134 -16.32 5.45 22.25
CA GLY D 134 -17.09 5.11 23.44
C GLY D 134 -18.08 4.06 22.98
N PHE D 135 -18.63 3.29 23.92
CA PHE D 135 -19.59 2.24 23.58
C PHE D 135 -21.06 2.59 23.78
N ILE D 136 -21.87 2.22 22.80
CA ILE D 136 -23.30 2.45 22.88
C ILE D 136 -23.92 1.20 23.51
N PRO D 137 -24.63 1.37 24.64
CA PRO D 137 -25.29 0.27 25.36
C PRO D 137 -26.12 -0.59 24.41
N ALA D 138 -25.99 -1.91 24.53
CA ALA D 138 -26.71 -2.84 23.67
C ALA D 138 -28.15 -2.45 23.39
N ALA D 139 -28.96 -2.35 24.43
CA ALA D 139 -30.37 -2.00 24.29
C ALA D 139 -30.60 -0.61 23.68
N GLU D 140 -29.70 0.31 23.96
CA GLU D 140 -29.81 1.67 23.46
C GLU D 140 -29.39 1.81 22.01
N PHE D 141 -28.87 0.73 21.45
CA PHE D 141 -28.44 0.79 20.07
C PHE D 141 -29.67 0.77 19.17
N THR D 142 -29.98 1.90 18.54
CA THR D 142 -31.12 1.94 17.64
C THR D 142 -30.54 1.52 16.30
N GLY D 143 -31.23 0.62 15.63
CA GLY D 143 -30.73 0.13 14.36
C GLY D 143 -30.40 -1.32 14.55
N ASP D 144 -29.80 -1.95 13.55
CA ASP D 144 -29.48 -3.36 13.64
C ASP D 144 -27.98 -3.60 13.64
N PRO D 145 -27.47 -4.16 14.74
CA PRO D 145 -26.03 -4.45 14.86
C PRO D 145 -25.49 -5.20 13.64
N GLN D 146 -26.30 -6.10 13.10
CA GLN D 146 -25.91 -6.91 11.95
C GLN D 146 -26.24 -6.23 10.61
N ASN D 147 -26.66 -4.97 10.66
CA ASN D 147 -26.96 -4.20 9.46
C ASN D 147 -26.72 -2.71 9.76
N THR D 148 -25.47 -2.40 10.09
CA THR D 148 -25.06 -1.05 10.42
C THR D 148 -24.01 -0.56 9.42
N THR D 149 -24.08 0.73 9.11
CA THR D 149 -23.14 1.32 8.18
C THR D 149 -21.79 1.55 8.87
N LEU D 150 -20.73 1.27 8.13
CA LEU D 150 -19.36 1.46 8.61
C LEU D 150 -18.66 2.32 7.57
N SER D 151 -17.90 3.32 8.01
CA SER D 151 -17.21 4.18 7.05
C SER D 151 -15.97 4.83 7.63
N LEU D 152 -15.08 5.25 6.74
CA LEU D 152 -13.84 5.91 7.16
C LEU D 152 -13.24 6.77 6.06
N SER D 153 -13.25 8.08 6.26
CA SER D 153 -12.66 8.98 5.29
C SER D 153 -11.30 9.45 5.84
N VAL D 154 -10.39 9.83 4.96
CA VAL D 154 -9.06 10.28 5.35
C VAL D 154 -8.69 11.57 4.60
N ASN D 155 -8.68 12.70 5.30
CA ASN D 155 -8.39 13.98 4.67
C ASN D 155 -9.45 14.20 3.59
N GLY D 156 -10.68 13.79 3.88
CA GLY D 156 -11.76 13.96 2.92
C GLY D 156 -11.94 12.76 2.00
N GLU D 157 -10.96 11.87 1.94
CA GLU D 157 -11.03 10.69 1.08
C GLU D 157 -11.86 9.53 1.64
N GLN D 158 -12.95 9.19 0.95
CA GLN D 158 -13.76 8.06 1.38
C GLN D 158 -12.91 6.85 1.04
N ARG D 159 -12.45 6.12 2.06
CA ARG D 159 -11.61 4.94 1.82
C ARG D 159 -12.32 3.62 2.12
N GLN D 160 -13.15 3.62 3.16
CA GLN D 160 -13.88 2.43 3.53
C GLN D 160 -15.33 2.81 3.72
N GLN D 161 -16.19 2.03 3.09
CA GLN D 161 -17.63 2.23 3.15
C GLN D 161 -18.18 0.81 3.12
N GLY D 162 -19.24 0.55 3.87
CA GLY D 162 -19.80 -0.77 3.89
C GLY D 162 -20.87 -0.95 4.96
N THR D 163 -21.66 -2.00 4.82
CA THR D 163 -22.69 -2.30 5.79
C THR D 163 -22.20 -3.53 6.54
N THR D 164 -22.52 -3.58 7.83
CA THR D 164 -22.08 -4.70 8.67
C THR D 164 -22.78 -5.99 8.22
N ALA D 165 -23.70 -5.85 7.26
CA ALA D 165 -24.45 -6.98 6.75
C ALA D 165 -23.64 -7.87 5.78
N ASP D 166 -22.56 -7.32 5.23
CA ASP D 166 -21.69 -8.07 4.32
C ASP D 166 -20.66 -8.86 5.12
N ILE D 168 -19.14 -12.04 6.63
CA ILE D 168 -19.11 -13.48 6.38
C ILE D 168 -19.59 -14.27 7.60
N HIS D 169 -18.91 -14.07 8.72
CA HIS D 169 -19.25 -14.72 9.97
C HIS D 169 -19.97 -13.66 10.83
N LYS D 170 -21.27 -13.82 11.01
CA LYS D 170 -22.07 -12.88 11.78
C LYS D 170 -21.58 -12.70 13.21
N ILE D 171 -21.86 -11.54 13.78
CA ILE D 171 -21.44 -11.20 15.15
C ILE D 171 -21.61 -12.31 16.17
N VAL D 172 -22.85 -12.63 16.52
CA VAL D 172 -23.12 -13.67 17.51
C VAL D 172 -22.41 -15.01 17.23
N PRO D 173 -22.57 -15.56 16.01
CA PRO D 173 -21.91 -16.84 15.69
C PRO D 173 -20.40 -16.73 15.77
N LEU D 174 -19.87 -15.59 15.34
CA LEU D 174 -18.42 -15.37 15.37
C LEU D 174 -17.91 -15.38 16.81
N ILE D 175 -18.60 -14.68 17.71
CA ILE D 175 -18.17 -14.62 19.10
C ILE D 175 -18.31 -15.96 19.80
N ALA D 176 -19.25 -16.78 19.35
CA ALA D 176 -19.44 -18.10 19.93
C ALA D 176 -18.24 -18.95 19.53
N TYR D 177 -17.81 -18.78 18.30
CA TYR D 177 -16.67 -19.50 17.76
C TYR D 177 -15.38 -19.15 18.51
N SER D 179 -15.22 -18.19 21.34
CA SER D 179 -15.45 -18.79 22.64
C SER D 179 -14.88 -20.22 22.73
N LYS D 180 -14.79 -20.89 21.58
CA LYS D 180 -14.27 -22.26 21.54
C LYS D 180 -12.82 -22.27 21.97
N PHE D 181 -12.11 -21.19 21.65
CA PHE D 181 -10.69 -21.10 21.96
C PHE D 181 -10.33 -20.21 23.14
N PHE D 182 -11.05 -19.11 23.33
CA PHE D 182 -10.70 -18.22 24.43
C PHE D 182 -11.89 -17.78 25.25
N THR D 183 -11.77 -17.92 26.57
CA THR D 183 -12.83 -17.47 27.46
C THR D 183 -12.90 -15.96 27.36
N LEU D 184 -14.08 -15.45 27.02
CA LEU D 184 -14.28 -14.01 26.92
C LEU D 184 -14.87 -13.55 28.25
N LYS D 185 -14.16 -12.65 28.92
CA LYS D 185 -14.64 -12.15 30.21
C LYS D 185 -15.29 -10.80 29.97
N ALA D 186 -16.05 -10.34 30.97
CA ALA D 186 -16.71 -9.03 30.87
C ALA D 186 -15.61 -7.98 30.79
N GLY D 187 -15.70 -7.10 29.80
CA GLY D 187 -14.68 -6.08 29.63
C GLY D 187 -13.84 -6.33 28.39
N ASP D 188 -13.86 -7.56 27.87
CA ASP D 188 -13.13 -7.89 26.67
C ASP D 188 -13.85 -7.29 25.47
N VAL D 189 -13.13 -7.09 24.38
CA VAL D 189 -13.71 -6.54 23.17
C VAL D 189 -13.40 -7.44 21.99
N VAL D 190 -14.28 -7.45 20.99
CA VAL D 190 -14.02 -8.25 19.80
C VAL D 190 -14.17 -7.38 18.54
N LEU D 191 -13.21 -7.49 17.62
CA LEU D 191 -13.26 -6.75 16.37
C LEU D 191 -13.89 -7.65 15.32
N THR D 192 -15.07 -7.23 14.89
CA THR D 192 -15.90 -7.93 13.93
C THR D 192 -15.41 -8.05 12.47
N GLY D 193 -14.31 -7.37 12.14
CA GLY D 193 -13.78 -7.43 10.79
C GLY D 193 -13.90 -6.12 10.06
N THR D 194 -13.28 -6.01 8.88
CA THR D 194 -13.31 -4.78 8.11
C THR D 194 -13.76 -4.92 6.66
N PRO D 195 -14.46 -3.91 6.13
CA PRO D 195 -14.91 -3.96 4.74
C PRO D 195 -13.67 -3.70 3.89
N ASP D 196 -13.85 -3.57 2.58
CA ASP D 196 -12.72 -3.30 1.70
C ASP D 196 -12.36 -1.83 1.77
N GLY D 197 -11.11 -1.51 1.43
CA GLY D 197 -10.65 -0.14 1.44
C GLY D 197 -9.40 0.02 2.28
N VAL D 198 -9.13 -0.99 3.10
CA VAL D 198 -7.96 -1.03 3.99
C VAL D 198 -6.80 -0.24 3.38
N GLY D 199 -6.53 0.93 3.93
CA GLY D 199 -5.44 1.74 3.41
C GLY D 199 -4.43 2.23 4.44
N PRO D 200 -3.43 3.02 4.02
CA PRO D 200 -2.39 3.53 4.94
C PRO D 200 -2.76 4.82 5.68
N LEU D 201 -2.10 5.01 6.82
CA LEU D 201 -2.28 6.17 7.68
C LEU D 201 -0.92 6.79 7.87
N GLN D 202 -0.81 8.10 7.70
CA GLN D 202 0.47 8.77 7.88
C GLN D 202 0.35 10.00 8.74
N SER D 203 1.42 10.31 9.47
CA SER D 203 1.45 11.46 10.36
C SER D 203 0.76 12.67 9.74
N GLY D 204 -0.16 13.27 10.48
CA GLY D 204 -0.86 14.44 9.99
C GLY D 204 -2.21 14.20 9.34
N ASP D 205 -2.48 12.98 8.88
CA ASP D 205 -3.76 12.71 8.25
C ASP D 205 -4.86 12.95 9.26
N GLU D 206 -6.02 13.37 8.78
CA GLU D 206 -7.16 13.58 9.65
C GLU D 206 -8.25 12.66 9.17
N LEU D 207 -8.53 11.63 9.94
CA LEU D 207 -9.55 10.67 9.57
C LEU D 207 -10.80 10.82 10.39
N THR D 208 -11.93 10.44 9.79
CA THR D 208 -13.20 10.51 10.49
C THR D 208 -13.86 9.15 10.24
N VAL D 209 -14.37 8.54 11.31
CA VAL D 209 -15.00 7.24 11.23
C VAL D 209 -16.48 7.33 11.61
N THR D 210 -17.30 6.45 11.03
CA THR D 210 -18.73 6.48 11.32
C THR D 210 -19.38 5.09 11.36
N PHE D 211 -20.43 4.98 12.17
CA PHE D 211 -21.18 3.73 12.26
C PHE D 211 -22.61 4.03 12.69
N ASP D 212 -23.51 3.90 11.72
CA ASP D 212 -24.94 4.14 11.90
C ASP D 212 -25.28 5.37 12.74
N GLY D 213 -25.19 6.54 12.10
CA GLY D 213 -25.52 7.78 12.78
C GLY D 213 -24.44 8.39 13.64
N HIS D 214 -23.54 7.57 14.16
CA HIS D 214 -22.48 8.06 15.02
C HIS D 214 -21.13 8.25 14.32
N SER D 215 -20.66 9.50 14.32
CA SER D 215 -19.39 9.81 13.69
C SER D 215 -18.43 10.38 14.74
N LEU D 216 -17.17 10.52 14.33
CA LEU D 216 -16.10 10.99 15.22
C LEU D 216 -14.87 11.23 14.36
N THR D 217 -14.14 12.32 14.61
CA THR D 217 -12.95 12.65 13.83
C THR D 217 -11.68 12.88 14.66
N THR D 218 -10.55 12.45 14.10
CA THR D 218 -9.26 12.63 14.77
C THR D 218 -8.17 12.76 13.73
N ARG D 219 -6.94 12.87 14.20
CA ARG D 219 -5.78 13.02 13.35
C ARG D 219 -4.65 12.12 13.86
N VAL D 220 -3.67 11.89 13.00
CA VAL D 220 -2.51 11.06 13.33
C VAL D 220 -1.32 11.93 13.70
N LEU D 221 -0.58 11.52 14.72
CA LEU D 221 0.60 12.27 15.13
C LEU D 221 1.82 11.71 14.38
#